data_6HKZ
#
_entry.id   6HKZ
#
_cell.length_a   102.956
_cell.length_b   132.259
_cell.length_c   161.589
_cell.angle_alpha   90.00
_cell.angle_beta   90.00
_cell.angle_gamma   90.00
#
_symmetry.space_group_name_H-M   'I 2 2 2'
#
loop_
_entity.id
_entity.type
_entity.pdbx_description
1 polymer 'Glutamate carboxypeptidase 2'
2 branched 2-acetamido-2-deoxy-beta-D-glucopyranose-(1-4)-2-acetamido-2-deoxy-beta-D-glucopyranose
3 branched alpha-D-mannopyranose-(1-3)-beta-D-mannopyranose-(1-4)-2-acetamido-2-deoxy-beta-D-glucopyranose-(1-4)-2-acetamido-2-deoxy-beta-D-glucopyranose
4 non-polymer 'ZINC ION'
5 non-polymer 'CALCIUM ION'
6 non-polymer 'CHLORIDE ION'
7 non-polymer 2-acetamido-2-deoxy-beta-D-glucopyranose
8 non-polymer 1,2-ETHANEDIOL
9 non-polymer '(2~{S})-2-[[(2~{S})-6-[2-[(6-fluoranylpyridin-3-yl)carbonylamino]ethyl-phenyl-amino]-1-oxidanyl-1,6-bis(oxidanylidene)hexan-2-yl]carbamoylamino]pentanedioic acid'
10 water water
#
_entity_poly.entity_id   1
_entity_poly.type   'polypeptide(L)'
_entity_poly.pdbx_seq_one_letter_code
;KSSNEATNITPKHNMKAFLDELKAENIKKFLYNFTQIPHLAGTEQNFQLAKQIQSQWKEFGLDSVELAHYDVLLSYPNKT
HPNYISIINEDGNEIFNTSLFEPPPPGYENVSDIVPPFSAFSPQGMPEGDLVYVNYARTEDFFKLERDMKINCSGKIVIA
RYGKVFRGNKVKNAQLAGAKGVILYSDPADYFAPGVKSYPDGWNLPGGGVQRGNILNLNGAGDPLTPGYPANEYAYRRGI
AEAVGLPSIPVHPIGYYDAQKLLEKMGGSAPPDSSWRGSLKVPYNVGPGFTGNFSTQKVKMHIHSTNEVTRIYNVIGTLR
GAVEPDRYVILGGHRDSWVFGGIDPQSGAAVVHEIVRSFGTLKKEGWRPRRTILFASWDAEEFGLLGSTEWAEENSRLLQ
ERGVAYINADSSIEGNYTLRVDCTPLMYSLVHNLTKELKSPDEGFEGKSLYESWTKKSPSPEFSGMPRISKLGSGNDFEV
FFQRLGIASGRARYTKNWETNKFSGYPLYHSVYETYELVEKFYDPMFKYHLTVAQVRGGMVFELANSIVLPFDCRDYAVV
LRKYADKIYSISMKHPQEMKTYSVSFDSLFSAVKNFTEIASKFSERLQDFDKSNPIVLRMMNDQLMFLERAFIDPLGLPD
RPFYRHVIYAPSSHNKYAGESFPGIYDALFDIESKVDPSKAWGEVKRQIYVAAFTVQAAAETLSEVA
;
_entity_poly.pdbx_strand_id   A
#
# COMPACT_ATOMS: atom_id res chain seq x y z
N LYS A 12 34.28 -13.40 -11.50
CA LYS A 12 33.18 -14.30 -11.04
C LYS A 12 31.82 -13.60 -11.23
N HIS A 13 30.76 -14.40 -11.42
CA HIS A 13 29.39 -13.86 -11.51
C HIS A 13 28.58 -14.27 -10.29
N ASN A 14 28.68 -13.49 -9.23
CA ASN A 14 28.04 -13.79 -7.96
C ASN A 14 27.26 -12.54 -7.52
N MET A 15 26.70 -12.55 -6.32
CA MET A 15 25.90 -11.39 -5.92
C MET A 15 26.77 -10.12 -5.87
N LYS A 16 28.04 -10.23 -5.46
CA LYS A 16 28.86 -9.03 -5.28
C LYS A 16 29.12 -8.34 -6.63
N ALA A 17 29.39 -9.09 -7.71
CA ALA A 17 29.45 -8.48 -9.04
C ALA A 17 28.15 -7.70 -9.31
N PHE A 18 27.00 -8.32 -9.06
CA PHE A 18 25.69 -7.64 -9.33
C PHE A 18 25.62 -6.31 -8.57
N LEU A 19 25.88 -6.36 -7.27
CA LEU A 19 25.74 -5.22 -6.37
C LEU A 19 26.74 -4.11 -6.74
N ASP A 20 27.96 -4.49 -7.08
CA ASP A 20 29.01 -3.47 -7.39
C ASP A 20 28.70 -2.69 -8.67
N GLU A 21 28.01 -3.30 -9.63
CA GLU A 21 27.68 -2.63 -10.91
C GLU A 21 26.60 -1.53 -10.71
N LEU A 22 25.72 -1.63 -9.70
CA LEU A 22 24.72 -0.50 -9.42
C LEU A 22 25.50 0.81 -9.11
N LYS A 23 25.05 1.97 -9.61
CA LYS A 23 25.64 3.28 -9.30
C LYS A 23 24.58 4.33 -8.93
N ALA A 24 24.89 5.10 -7.89
CA ALA A 24 24.12 6.25 -7.43
C ALA A 24 23.87 7.24 -8.58
N GLU A 25 24.90 7.45 -9.40
CA GLU A 25 24.88 8.49 -10.44
C GLU A 25 23.87 8.13 -11.53
N ASN A 26 23.75 6.83 -11.86
CA ASN A 26 22.73 6.31 -12.84
C ASN A 26 21.32 6.54 -12.29
N ILE A 27 21.09 6.25 -11.02
CA ILE A 27 19.74 6.42 -10.43
C ILE A 27 19.32 7.90 -10.51
N LYS A 28 20.26 8.80 -10.26
CA LYS A 28 20.00 10.25 -10.32
C LYS A 28 19.58 10.64 -11.74
N LYS A 29 20.37 10.27 -12.72
CA LYS A 29 20.08 10.58 -14.14
C LYS A 29 18.68 10.11 -14.53
N PHE A 30 18.31 8.87 -14.16
CA PHE A 30 17.02 8.26 -14.53
C PHE A 30 15.89 9.01 -13.80
N LEU A 31 16.10 9.39 -12.54
CA LEU A 31 15.04 10.09 -11.79
C LEU A 31 14.77 11.42 -12.49
N TYR A 32 15.83 12.13 -12.88
CA TYR A 32 15.71 13.40 -13.65
C TYR A 32 14.94 13.15 -14.97
N ASN A 33 15.33 12.13 -15.73
CA ASN A 33 14.65 11.78 -17.01
C ASN A 33 13.14 11.49 -16.84
N PHE A 34 12.71 10.97 -15.65
CA PHE A 34 11.32 10.45 -15.44
C PHE A 34 10.39 11.51 -14.83
N THR A 35 10.91 12.69 -14.46
CA THR A 35 10.16 13.65 -13.64
C THR A 35 10.06 15.05 -14.28
N GLN A 36 10.42 15.22 -15.57
CA GLN A 36 10.33 16.58 -16.23
C GLN A 36 8.89 16.95 -16.57
N ILE A 37 8.04 15.98 -16.94
CA ILE A 37 6.61 16.25 -17.26
C ILE A 37 5.71 15.27 -16.51
N PRO A 38 4.40 15.62 -16.38
CA PRO A 38 3.45 14.71 -15.73
C PRO A 38 3.22 13.40 -16.49
N HIS A 39 3.01 12.30 -15.76
CA HIS A 39 2.75 11.01 -16.40
C HIS A 39 1.45 10.36 -15.86
N LEU A 40 0.32 11.03 -16.00
CA LEU A 40 -0.95 10.58 -15.40
C LEU A 40 -1.46 9.35 -16.16
N ALA A 41 -1.99 8.40 -15.41
CA ALA A 41 -2.52 7.21 -16.04
C ALA A 41 -3.57 7.58 -17.10
N GLY A 42 -3.46 6.92 -18.25
CA GLY A 42 -4.40 7.07 -19.34
C GLY A 42 -4.07 8.22 -20.28
N THR A 43 -3.02 9.00 -20.03
CA THR A 43 -2.65 10.12 -20.93
C THR A 43 -1.56 9.70 -21.92
N GLU A 44 -1.45 10.49 -23.02
CA GLU A 44 -0.51 10.17 -24.12
C GLU A 44 0.96 10.19 -23.60
N GLN A 45 1.28 11.08 -22.69
CA GLN A 45 2.66 11.17 -22.16
C GLN A 45 3.02 9.91 -21.34
N ASN A 46 2.07 9.27 -20.65
CA ASN A 46 2.41 8.00 -19.91
C ASN A 46 2.57 6.82 -20.88
N PHE A 47 1.86 6.83 -22.01
CA PHE A 47 2.08 5.83 -23.08
C PHE A 47 3.48 6.04 -23.67
N GLN A 48 3.86 7.29 -23.95
CA GLN A 48 5.23 7.60 -24.49
C GLN A 48 6.31 7.12 -23.51
N LEU A 49 6.14 7.35 -22.21
CA LEU A 49 7.17 6.87 -21.24
C LEU A 49 7.22 5.32 -21.25
N ALA A 50 6.06 4.65 -21.36
CA ALA A 50 6.04 3.17 -21.45
C ALA A 50 6.88 2.66 -22.65
N LYS A 51 6.73 3.30 -23.82
CA LYS A 51 7.49 2.91 -25.05
C LYS A 51 9.00 3.16 -24.85
N GLN A 52 9.37 4.25 -24.16
CA GLN A 52 10.81 4.52 -23.77
C GLN A 52 11.32 3.37 -22.88
N ILE A 53 10.57 3.05 -21.81
CA ILE A 53 11.04 2.01 -20.88
C ILE A 53 11.23 0.68 -21.63
N GLN A 54 10.28 0.34 -22.51
CA GLN A 54 10.35 -0.95 -23.24
C GLN A 54 11.61 -0.99 -24.10
N SER A 55 11.86 0.09 -24.83
CA SER A 55 13.03 0.18 -25.72
C SER A 55 14.36 0.08 -24.93
N GLN A 56 14.47 0.75 -23.78
CA GLN A 56 15.70 0.71 -22.98
C GLN A 56 15.88 -0.64 -22.26
N TRP A 57 14.82 -1.22 -21.71
CA TRP A 57 14.99 -2.58 -21.16
C TRP A 57 15.50 -3.58 -22.23
N LYS A 58 15.10 -3.48 -23.51
CA LYS A 58 15.70 -4.40 -24.56
C LYS A 58 17.19 -4.07 -24.77
N GLU A 59 17.54 -2.79 -24.90
CA GLU A 59 18.95 -2.37 -25.05
C GLU A 59 19.78 -2.86 -23.84
N PHE A 60 19.17 -2.85 -22.66
CA PHE A 60 19.90 -3.27 -21.45
C PHE A 60 20.18 -4.79 -21.49
N GLY A 61 19.49 -5.59 -22.32
CA GLY A 61 19.82 -7.07 -22.47
C GLY A 61 18.67 -8.06 -22.22
N LEU A 62 17.48 -7.66 -21.78
CA LEU A 62 16.44 -8.66 -21.40
C LEU A 62 16.07 -9.51 -22.64
N ASP A 63 15.71 -10.77 -22.45
CA ASP A 63 15.34 -11.68 -23.58
C ASP A 63 14.07 -11.26 -24.29
N SER A 64 13.10 -10.70 -23.59
CA SER A 64 11.91 -10.16 -24.31
C SER A 64 11.31 -9.04 -23.46
N VAL A 65 10.71 -8.03 -24.11
CA VAL A 65 10.02 -6.96 -23.42
C VAL A 65 8.74 -6.60 -24.19
N GLU A 66 7.58 -6.68 -23.53
CA GLU A 66 6.23 -6.48 -24.17
C GLU A 66 5.37 -5.48 -23.36
N LEU A 67 4.44 -4.79 -24.05
CA LEU A 67 3.35 -4.04 -23.43
C LEU A 67 2.12 -4.94 -23.34
N ALA A 68 1.49 -4.93 -22.20
CA ALA A 68 0.19 -5.54 -21.98
C ALA A 68 -0.76 -4.41 -21.60
N HIS A 69 -1.80 -4.23 -22.39
CA HIS A 69 -2.78 -3.16 -22.26
C HIS A 69 -4.15 -3.74 -21.83
N TYR A 70 -5.00 -2.89 -21.24
CA TYR A 70 -6.30 -3.20 -20.65
C TYR A 70 -7.14 -1.93 -20.76
N ASP A 71 -8.46 -2.06 -20.84
CA ASP A 71 -9.35 -0.88 -20.91
C ASP A 71 -10.18 -0.85 -19.66
N VAL A 72 -9.79 0.05 -18.75
CA VAL A 72 -10.29 0.08 -17.34
C VAL A 72 -11.04 1.41 -17.05
N LEU A 73 -11.83 1.45 -15.97
CA LEU A 73 -12.52 2.71 -15.56
C LEU A 73 -11.49 3.61 -14.86
N LEU A 74 -11.25 4.81 -15.41
CA LEU A 74 -10.50 5.90 -14.72
C LEU A 74 -11.45 7.07 -14.47
N SER A 75 -10.93 8.15 -13.86
CA SER A 75 -11.68 9.38 -13.48
C SER A 75 -10.84 10.65 -13.70
N TYR A 76 -11.46 11.70 -14.26
CA TYR A 76 -10.74 12.94 -14.60
C TYR A 76 -11.63 14.18 -14.38
N PRO A 77 -11.03 15.29 -13.97
CA PRO A 77 -11.93 16.49 -13.88
C PRO A 77 -12.39 17.00 -15.25
N ASN A 78 -13.43 17.83 -15.30
CA ASN A 78 -13.87 18.54 -16.51
C ASN A 78 -13.04 19.85 -16.64
N LYS A 79 -12.26 19.90 -17.72
CA LYS A 79 -11.35 21.03 -18.05
C LYS A 79 -12.10 22.36 -18.17
N THR A 80 -13.28 22.40 -18.79
CA THR A 80 -14.02 23.67 -18.92
C THR A 80 -15.14 23.79 -17.88
N HIS A 81 -15.06 23.13 -16.74
CA HIS A 81 -16.14 23.20 -15.74
C HIS A 81 -15.59 22.78 -14.37
N PRO A 82 -14.72 23.62 -13.77
CA PRO A 82 -13.88 23.29 -12.62
C PRO A 82 -14.63 22.92 -11.33
N ASN A 83 -14.00 22.05 -10.53
CA ASN A 83 -14.49 21.66 -9.18
C ASN A 83 -14.03 22.73 -8.19
N TYR A 84 -14.93 23.07 -7.27
CA TYR A 84 -14.58 24.00 -6.20
C TYR A 84 -15.69 23.95 -5.13
N ILE A 85 -15.40 24.58 -3.98
CA ILE A 85 -16.32 24.69 -2.81
C ILE A 85 -16.55 26.19 -2.45
N SER A 86 -17.75 26.47 -1.96
CA SER A 86 -18.21 27.82 -1.59
C SER A 86 -18.80 27.87 -0.18
N ILE A 87 -18.62 29.03 0.46
CA ILE A 87 -19.57 29.50 1.48
C ILE A 87 -20.61 30.38 0.76
N ILE A 88 -21.89 30.10 0.93
CA ILE A 88 -22.99 30.91 0.31
C ILE A 88 -23.80 31.57 1.42
N ASN A 89 -24.31 32.78 1.15
CA ASN A 89 -25.15 33.52 2.12
C ASN A 89 -26.63 33.21 1.86
N GLU A 90 -27.46 33.70 2.79
CA GLU A 90 -28.94 33.67 2.77
C GLU A 90 -29.53 33.90 1.37
N ASP A 91 -28.96 34.84 0.60
CA ASP A 91 -29.47 35.23 -0.73
C ASP A 91 -28.92 34.31 -1.85
N GLY A 92 -27.83 33.62 -1.58
CA GLY A 92 -27.25 32.69 -2.53
C GLY A 92 -26.03 33.25 -3.24
N ASN A 93 -25.38 34.26 -2.67
CA ASN A 93 -24.11 34.75 -3.22
C ASN A 93 -22.95 33.93 -2.64
N GLU A 94 -22.03 33.54 -3.52
CA GLU A 94 -20.85 32.77 -3.14
C GLU A 94 -19.82 33.76 -2.60
N ILE A 95 -19.73 33.86 -1.28
CA ILE A 95 -18.90 34.89 -0.64
C ILE A 95 -17.47 34.37 -0.46
N PHE A 96 -17.25 33.07 -0.62
CA PHE A 96 -15.89 32.48 -0.56
C PHE A 96 -15.77 31.29 -1.52
N ASN A 97 -14.64 31.18 -2.22
CA ASN A 97 -14.38 30.15 -3.23
C ASN A 97 -13.02 29.49 -2.96
N THR A 98 -12.97 28.16 -2.88
CA THR A 98 -11.67 27.45 -2.76
C THR A 98 -10.86 27.62 -4.06
N SER A 99 -9.54 27.40 -4.03
CA SER A 99 -8.70 27.58 -5.23
C SER A 99 -9.05 26.58 -6.34
N LEU A 100 -8.75 26.97 -7.57
CA LEU A 100 -8.90 26.09 -8.74
C LEU A 100 -7.62 25.32 -9.05
N PHE A 101 -6.47 25.70 -8.47
CA PHE A 101 -5.21 25.01 -8.77
C PHE A 101 -4.20 25.30 -7.66
N GLU A 102 -3.15 24.47 -7.53
CA GLU A 102 -2.02 24.79 -6.65
C GLU A 102 -1.09 25.78 -7.38
N PRO A 103 -0.58 26.82 -6.65
CA PRO A 103 0.44 27.74 -7.22
C PRO A 103 1.63 26.90 -7.72
N PRO A 104 1.90 26.90 -9.04
CA PRO A 104 2.95 26.00 -9.46
C PRO A 104 4.35 26.44 -8.98
N PRO A 105 5.23 25.46 -8.70
CA PRO A 105 6.58 25.81 -8.23
C PRO A 105 7.50 26.51 -9.24
N PRO A 106 8.59 27.11 -8.72
CA PRO A 106 9.56 27.86 -9.56
C PRO A 106 10.11 27.10 -10.78
N GLY A 107 9.95 27.66 -11.97
CA GLY A 107 10.46 27.01 -13.21
C GLY A 107 9.42 26.17 -13.95
N TYR A 108 8.33 25.80 -13.26
CA TYR A 108 7.26 24.92 -13.81
C TYR A 108 5.98 25.73 -14.04
N GLU A 109 6.07 27.04 -13.92
CA GLU A 109 4.88 27.92 -13.98
C GLU A 109 4.32 27.98 -15.42
N ASN A 110 4.96 27.29 -16.41
CA ASN A 110 4.45 27.20 -17.81
C ASN A 110 4.26 25.72 -18.25
N VAL A 111 4.31 24.76 -17.34
CA VAL A 111 4.09 23.38 -17.74
C VAL A 111 2.57 23.13 -17.88
N SER A 112 2.18 22.48 -18.96
CA SER A 112 0.76 22.18 -19.16
C SER A 112 0.44 20.76 -18.66
N ASP A 113 -0.86 20.47 -18.61
CA ASP A 113 -1.32 19.18 -18.32
C ASP A 113 -1.07 18.79 -16.84
N ILE A 114 -1.01 19.78 -15.94
CA ILE A 114 -1.01 19.49 -14.50
C ILE A 114 -2.47 19.28 -14.08
N VAL A 115 -2.87 18.04 -13.76
CA VAL A 115 -4.27 17.83 -13.32
C VAL A 115 -4.50 18.61 -12.01
N PRO A 116 -5.57 19.43 -11.97
CA PRO A 116 -5.87 20.18 -10.72
C PRO A 116 -6.25 19.20 -9.59
N PRO A 117 -6.15 19.61 -8.32
CA PRO A 117 -6.62 18.73 -7.24
C PRO A 117 -8.07 18.25 -7.40
N PHE A 118 -8.25 16.94 -7.16
CA PHE A 118 -9.53 16.26 -7.17
C PHE A 118 -9.42 14.92 -6.42
N SER A 119 -10.58 14.41 -5.98
CA SER A 119 -10.76 13.06 -5.44
C SER A 119 -11.23 12.10 -6.55
N ALA A 120 -10.35 11.23 -7.07
CA ALA A 120 -10.73 10.35 -8.20
C ALA A 120 -11.88 9.42 -7.83
N PHE A 121 -12.87 9.38 -8.74
CA PHE A 121 -14.12 8.53 -8.73
C PHE A 121 -15.26 9.20 -7.92
N SER A 122 -15.10 10.40 -7.39
CA SER A 122 -16.28 11.14 -6.82
C SER A 122 -17.43 11.16 -7.85
N PRO A 123 -18.68 10.88 -7.44
CA PRO A 123 -19.79 11.19 -8.32
C PRO A 123 -19.96 12.71 -8.49
N GLN A 124 -20.75 13.13 -9.49
CA GLN A 124 -21.09 14.55 -9.73
C GLN A 124 -22.17 14.97 -8.73
N GLY A 125 -22.19 16.27 -8.39
CA GLY A 125 -23.29 16.85 -7.58
C GLY A 125 -22.97 18.27 -7.15
N MET A 126 -23.98 18.96 -6.59
CA MET A 126 -23.81 20.31 -6.05
C MET A 126 -24.53 20.46 -4.71
N PRO A 127 -24.31 19.54 -3.76
CA PRO A 127 -24.98 19.63 -2.47
C PRO A 127 -24.59 20.87 -1.63
N GLU A 128 -25.57 21.26 -0.81
CA GLU A 128 -25.63 22.52 -0.04
C GLU A 128 -26.01 22.15 1.39
N GLY A 129 -25.33 22.63 2.45
CA GLY A 129 -25.82 22.29 3.81
C GLY A 129 -24.88 22.73 4.92
N ASP A 130 -25.12 22.23 6.14
CA ASP A 130 -24.29 22.59 7.31
C ASP A 130 -23.13 21.59 7.53
N LEU A 131 -22.02 22.15 7.98
CA LEU A 131 -20.75 21.48 8.20
C LEU A 131 -20.76 20.75 9.56
N VAL A 132 -20.20 19.51 9.59
CA VAL A 132 -19.74 18.86 10.84
C VAL A 132 -18.26 18.45 10.69
N TYR A 133 -17.46 18.73 11.73
CA TYR A 133 -16.03 18.36 11.78
C TYR A 133 -15.90 17.02 12.53
N VAL A 134 -15.21 16.05 11.90
CA VAL A 134 -15.22 14.61 12.30
C VAL A 134 -13.78 14.12 12.56
N ASN A 135 -12.86 15.05 12.81
CA ASN A 135 -11.46 14.69 13.11
C ASN A 135 -10.87 13.92 11.91
N TYR A 136 -10.34 12.69 12.11
CA TYR A 136 -9.73 11.91 10.95
C TYR A 136 -10.76 11.04 10.22
N ALA A 137 -12.03 11.10 10.60
CA ALA A 137 -13.12 10.27 10.06
C ALA A 137 -12.88 8.76 10.22
N ARG A 138 -12.12 8.35 11.25
CA ARG A 138 -12.00 6.93 11.63
C ARG A 138 -13.30 6.40 12.25
N THR A 139 -13.42 5.08 12.22
CA THR A 139 -14.51 4.35 12.91
C THR A 139 -14.72 4.88 14.34
N GLU A 140 -13.65 5.02 15.13
CA GLU A 140 -13.78 5.44 16.56
C GLU A 140 -14.18 6.92 16.66
N ASP A 141 -13.78 7.76 15.70
CA ASP A 141 -14.23 9.17 15.70
C ASP A 141 -15.78 9.28 15.46
N PHE A 142 -16.35 8.47 14.54
CA PHE A 142 -17.82 8.40 14.35
C PHE A 142 -18.52 7.78 15.59
N PHE A 143 -17.95 6.73 16.21
CA PHE A 143 -18.48 6.23 17.50
C PHE A 143 -18.54 7.36 18.55
N LYS A 144 -17.50 8.19 18.68
CA LYS A 144 -17.49 9.27 19.67
C LYS A 144 -18.58 10.30 19.35
N LEU A 145 -18.76 10.64 18.08
CA LEU A 145 -19.74 11.64 17.66
C LEU A 145 -21.16 11.15 17.96
N GLU A 146 -21.50 9.94 17.49
CA GLU A 146 -22.91 9.47 17.52
C GLU A 146 -23.26 8.87 18.88
N ARG A 147 -22.35 8.08 19.47
CA ARG A 147 -22.64 7.38 20.74
C ARG A 147 -22.46 8.34 21.93
N ASP A 148 -21.29 8.99 22.08
CA ASP A 148 -21.04 9.83 23.27
C ASP A 148 -21.50 11.29 23.16
N MET A 149 -21.38 11.93 22.00
CA MET A 149 -21.71 13.37 21.89
C MET A 149 -23.14 13.58 21.39
N LYS A 150 -23.76 12.54 20.80
CA LYS A 150 -25.15 12.56 20.31
C LYS A 150 -25.32 13.49 19.11
N ILE A 151 -24.28 13.59 18.28
CA ILE A 151 -24.32 14.44 17.09
C ILE A 151 -24.60 13.55 15.89
N ASN A 152 -25.54 13.99 15.07
CA ASN A 152 -26.10 13.20 13.96
C ASN A 152 -25.60 13.83 12.66
N CYS A 153 -24.91 13.03 11.82
CA CYS A 153 -24.29 13.53 10.57
C CYS A 153 -25.26 13.36 9.39
N SER A 154 -26.48 12.90 9.64
CA SER A 154 -27.41 12.64 8.51
C SER A 154 -27.78 13.94 7.81
N GLY A 155 -27.60 14.01 6.48
CA GLY A 155 -27.91 15.23 5.71
C GLY A 155 -26.86 16.33 5.84
N LYS A 156 -25.76 16.10 6.57
CA LYS A 156 -24.67 17.11 6.74
C LYS A 156 -23.51 16.88 5.76
N ILE A 157 -22.74 17.93 5.52
CA ILE A 157 -21.45 17.85 4.84
C ILE A 157 -20.37 17.68 5.91
N VAL A 158 -19.56 16.62 5.82
CA VAL A 158 -18.54 16.41 6.80
C VAL A 158 -17.23 16.98 6.25
N ILE A 159 -16.45 17.57 7.14
CA ILE A 159 -15.09 17.96 6.85
C ILE A 159 -14.17 17.18 7.79
N ALA A 160 -13.17 16.54 7.20
CA ALA A 160 -12.25 15.70 7.91
C ALA A 160 -10.81 16.05 7.48
N ARG A 161 -9.88 15.94 8.42
CA ARG A 161 -8.47 16.05 8.09
C ARG A 161 -7.96 14.69 7.59
N TYR A 162 -7.10 14.77 6.58
CA TYR A 162 -6.31 13.62 6.08
C TYR A 162 -5.41 13.12 7.23
N GLY A 163 -4.93 11.87 7.16
CA GLY A 163 -3.96 11.29 8.14
C GLY A 163 -4.50 10.03 8.82
N LYS A 164 -3.59 9.17 9.32
CA LYS A 164 -3.90 7.96 10.20
C LYS A 164 -4.46 6.78 9.39
N VAL A 165 -5.43 7.00 8.50
CA VAL A 165 -6.05 5.91 7.71
C VAL A 165 -6.24 6.32 6.25
N PHE A 166 -6.35 5.30 5.39
CA PHE A 166 -6.66 5.47 3.93
C PHE A 166 -7.96 6.29 3.75
N ARG A 167 -7.89 7.31 2.88
CA ARG A 167 -8.99 8.26 2.59
C ARG A 167 -10.27 7.54 2.10
N GLY A 168 -10.13 6.41 1.40
CA GLY A 168 -11.27 5.56 1.03
C GLY A 168 -12.10 5.10 2.23
N ASN A 169 -11.45 4.73 3.34
CA ASN A 169 -12.14 4.25 4.53
C ASN A 169 -12.91 5.43 5.19
N LYS A 170 -12.28 6.62 5.21
CA LYS A 170 -12.94 7.86 5.72
C LYS A 170 -14.28 8.10 4.99
N VAL A 171 -14.26 8.04 3.65
CA VAL A 171 -15.46 8.27 2.81
C VAL A 171 -16.52 7.19 3.08
N LYS A 172 -16.12 5.91 3.15
CA LYS A 172 -17.08 4.83 3.49
C LYS A 172 -17.72 5.13 4.86
N ASN A 173 -16.91 5.52 5.84
CA ASN A 173 -17.42 5.82 7.19
C ASN A 173 -18.40 7.01 7.14
N ALA A 174 -18.09 8.04 6.36
CA ALA A 174 -18.97 9.22 6.30
C ALA A 174 -20.31 8.83 5.65
N GLN A 175 -20.25 8.06 4.57
CA GLN A 175 -21.46 7.59 3.86
C GLN A 175 -22.39 6.84 4.81
N LEU A 176 -21.86 5.86 5.56
CA LEU A 176 -22.69 5.08 6.45
C LEU A 176 -23.19 5.94 7.63
N ALA A 177 -22.58 7.05 7.96
CA ALA A 177 -23.19 7.97 8.96
C ALA A 177 -24.26 8.88 8.32
N GLY A 178 -24.50 8.78 7.00
CA GLY A 178 -25.60 9.51 6.31
C GLY A 178 -25.20 10.88 5.75
N ALA A 179 -23.90 11.21 5.71
CA ALA A 179 -23.39 12.47 5.14
C ALA A 179 -23.83 12.62 3.68
N LYS A 180 -23.91 13.86 3.21
CA LYS A 180 -24.24 14.04 1.81
C LYS A 180 -23.05 14.61 1.04
N GLY A 181 -21.93 14.88 1.70
CA GLY A 181 -20.68 15.15 0.96
C GLY A 181 -19.50 15.10 1.88
N VAL A 182 -18.28 15.09 1.32
CA VAL A 182 -17.09 15.06 2.16
C VAL A 182 -16.06 16.04 1.60
N ILE A 183 -15.41 16.73 2.54
CA ILE A 183 -14.33 17.66 2.28
C ILE A 183 -13.10 17.20 3.07
N LEU A 184 -11.98 16.99 2.37
CA LEU A 184 -10.73 16.48 2.96
C LEU A 184 -9.68 17.60 2.93
N TYR A 185 -8.86 17.76 3.98
CA TYR A 185 -7.83 18.82 3.96
C TYR A 185 -6.60 18.34 4.72
N SER A 186 -5.45 18.98 4.44
CA SER A 186 -4.19 18.70 5.09
C SER A 186 -3.96 19.70 6.24
N ASP A 187 -3.92 19.19 7.46
CA ASP A 187 -3.64 19.99 8.66
C ASP A 187 -2.16 19.97 9.00
N PRO A 188 -1.54 21.15 9.28
CA PRO A 188 -0.10 21.22 9.56
C PRO A 188 0.30 20.40 10.80
N ALA A 189 -0.64 20.13 11.71
CA ALA A 189 -0.27 19.31 12.87
C ALA A 189 0.21 17.92 12.43
N ASP A 190 -0.27 17.43 11.30
CA ASP A 190 0.10 16.10 10.81
C ASP A 190 1.27 16.26 9.76
N TYR A 191 1.03 17.10 8.70
CA TYR A 191 1.90 17.37 7.50
C TYR A 191 2.68 18.72 7.62
N PHE A 192 3.15 19.20 8.80
CA PHE A 192 4.07 20.44 8.85
C PHE A 192 5.02 20.40 10.07
N ALA A 193 6.34 20.16 9.85
CA ALA A 193 7.38 19.72 10.87
C ALA A 193 8.17 20.91 11.48
N PRO A 194 8.91 20.66 12.60
CA PRO A 194 9.50 21.65 13.52
C PRO A 194 10.71 22.42 12.95
N GLY A 195 10.50 23.70 12.70
CA GLY A 195 11.52 24.58 12.21
C GLY A 195 11.88 24.31 10.76
N VAL A 196 11.08 23.61 9.96
CA VAL A 196 11.48 23.44 8.54
C VAL A 196 10.52 24.23 7.63
N LYS A 197 11.10 24.80 6.58
CA LYS A 197 10.40 25.69 5.68
C LYS A 197 9.57 24.91 4.64
N SER A 198 8.47 25.53 4.22
CA SER A 198 7.64 25.25 3.06
C SER A 198 8.45 25.21 1.75
N TYR A 199 8.04 24.32 0.82
CA TYR A 199 8.59 24.27 -0.54
C TYR A 199 8.40 25.67 -1.16
N PRO A 200 9.38 26.24 -1.85
CA PRO A 200 10.66 25.64 -2.31
C PRO A 200 11.90 25.79 -1.41
N ASP A 201 11.74 26.33 -0.21
CA ASP A 201 12.88 26.56 0.70
C ASP A 201 13.13 25.38 1.64
N GLY A 202 12.18 24.44 1.72
CA GLY A 202 12.29 23.28 2.61
C GLY A 202 11.34 22.19 2.15
N TRP A 203 11.15 21.14 2.96
CA TRP A 203 10.36 19.97 2.50
C TRP A 203 8.94 19.99 3.07
N ASN A 204 8.52 21.12 3.63
CA ASN A 204 7.23 21.26 4.30
C ASN A 204 6.13 21.62 3.28
N LEU A 205 4.88 21.45 3.71
CA LEU A 205 3.71 21.71 2.86
C LEU A 205 3.24 23.17 2.98
N PRO A 206 3.17 23.90 1.86
CA PRO A 206 2.59 25.26 1.82
C PRO A 206 1.06 25.29 1.98
N GLY A 207 0.50 26.44 2.34
CA GLY A 207 -0.94 26.56 2.66
C GLY A 207 -1.82 26.40 1.43
N GLY A 208 -1.23 26.55 0.24
CA GLY A 208 -1.90 26.34 -1.05
C GLY A 208 -1.70 24.93 -1.63
N GLY A 209 -0.90 24.07 -0.99
CA GLY A 209 -0.68 22.67 -1.45
C GLY A 209 -1.87 21.76 -1.13
N VAL A 210 -2.14 20.78 -1.99
CA VAL A 210 -3.29 19.84 -1.84
C VAL A 210 -2.87 18.42 -2.23
N GLN A 211 -3.35 17.43 -1.47
CA GLN A 211 -3.11 15.97 -1.68
C GLN A 211 -4.20 15.39 -2.62
N ARG A 212 -3.80 15.00 -3.82
CA ARG A 212 -4.68 14.15 -4.73
C ARG A 212 -4.79 12.72 -4.16
N GLY A 213 -5.78 11.99 -4.64
CA GLY A 213 -5.89 10.53 -4.37
C GLY A 213 -7.28 9.94 -4.62
N ASN A 214 -7.32 8.65 -4.99
CA ASN A 214 -8.61 7.93 -5.24
C ASN A 214 -9.27 7.66 -3.88
N ILE A 215 -10.59 7.45 -3.92
CA ILE A 215 -11.45 7.25 -2.73
C ILE A 215 -12.33 5.99 -2.93
N LEU A 216 -11.82 5.00 -3.68
CA LEU A 216 -12.53 3.73 -3.89
C LEU A 216 -12.45 2.85 -2.63
N ASN A 217 -13.41 1.93 -2.51
CA ASN A 217 -13.32 0.75 -1.61
C ASN A 217 -13.39 -0.54 -2.45
N LEU A 218 -12.29 -0.91 -3.10
CA LEU A 218 -12.29 -2.03 -4.04
C LEU A 218 -12.17 -3.40 -3.35
N ASN A 219 -11.55 -3.44 -2.17
CA ASN A 219 -11.23 -4.72 -1.46
C ASN A 219 -10.58 -5.78 -2.39
N GLY A 220 -9.68 -5.35 -3.24
CA GLY A 220 -8.88 -6.28 -4.07
C GLY A 220 -9.48 -6.56 -5.45
N ALA A 221 -10.60 -5.91 -5.82
CA ALA A 221 -11.30 -6.35 -7.07
C ALA A 221 -10.52 -5.96 -8.34
N GLY A 222 -9.74 -4.88 -8.33
CA GLY A 222 -9.17 -4.34 -9.61
C GLY A 222 -10.11 -3.35 -10.29
N ASP A 223 -10.11 -3.33 -11.62
CA ASP A 223 -11.06 -2.56 -12.46
C ASP A 223 -12.49 -2.71 -11.87
N PRO A 224 -13.13 -1.61 -11.51
CA PRO A 224 -14.51 -1.68 -11.00
C PRO A 224 -15.52 -2.42 -11.91
N LEU A 225 -15.30 -2.48 -13.23
CA LEU A 225 -16.30 -3.06 -14.16
C LEU A 225 -16.08 -4.56 -14.45
N THR A 226 -14.92 -5.13 -14.13
CA THR A 226 -14.60 -6.52 -14.54
C THR A 226 -14.00 -7.36 -13.39
N PRO A 227 -14.66 -7.46 -12.22
CA PRO A 227 -14.14 -8.22 -11.07
C PRO A 227 -13.96 -9.71 -11.42
N GLY A 228 -12.75 -10.26 -11.20
CA GLY A 228 -12.48 -11.68 -11.47
C GLY A 228 -11.79 -11.95 -12.81
N TYR A 229 -11.87 -11.02 -13.78
CA TYR A 229 -11.46 -11.38 -15.16
C TYR A 229 -10.71 -10.21 -15.80
N PRO A 230 -9.80 -10.48 -16.76
CA PRO A 230 -9.07 -9.31 -17.27
C PRO A 230 -9.90 -8.41 -18.19
N ALA A 231 -9.64 -7.10 -18.11
CA ALA A 231 -10.35 -6.05 -18.93
C ALA A 231 -9.77 -5.98 -20.36
N ASN A 232 -9.94 -7.09 -21.10
CA ASN A 232 -9.32 -7.26 -22.41
C ASN A 232 -10.31 -6.76 -23.47
N GLU A 233 -10.02 -7.10 -24.72
CA GLU A 233 -10.72 -6.50 -25.84
C GLU A 233 -12.18 -6.96 -25.88
N TYR A 234 -12.49 -8.18 -25.42
CA TYR A 234 -13.86 -8.73 -25.63
C TYR A 234 -14.62 -8.81 -24.29
N ALA A 235 -14.07 -8.16 -23.27
CA ALA A 235 -14.57 -8.29 -21.90
C ALA A 235 -16.00 -7.79 -21.79
N TYR A 236 -16.81 -8.49 -21.02
CA TYR A 236 -18.13 -8.03 -20.64
C TYR A 236 -18.00 -7.15 -19.40
N ARG A 237 -18.65 -6.01 -19.40
CA ARG A 237 -18.53 -5.01 -18.36
C ARG A 237 -19.85 -4.88 -17.61
N ARG A 238 -19.81 -4.84 -16.30
CA ARG A 238 -20.99 -4.37 -15.49
C ARG A 238 -21.39 -2.94 -15.88
N GLY A 239 -22.68 -2.63 -15.76
CA GLY A 239 -23.12 -1.24 -15.80
C GLY A 239 -22.64 -0.52 -14.56
N ILE A 240 -22.54 0.80 -14.63
CA ILE A 240 -22.01 1.67 -13.54
C ILE A 240 -22.72 1.38 -12.23
N ALA A 241 -24.02 1.15 -12.28
CA ALA A 241 -24.74 1.01 -11.00
C ALA A 241 -24.31 -0.26 -10.27
N GLU A 242 -23.78 -1.28 -10.98
CA GLU A 242 -23.33 -2.56 -10.35
C GLU A 242 -21.79 -2.58 -10.18
N ALA A 243 -21.08 -1.49 -10.52
CA ALA A 243 -19.62 -1.46 -10.42
C ALA A 243 -19.15 -1.61 -8.97
N VAL A 244 -17.95 -2.14 -8.80
CA VAL A 244 -17.40 -2.40 -7.45
C VAL A 244 -16.77 -1.11 -6.90
N GLY A 245 -17.18 -0.72 -5.69
CA GLY A 245 -16.34 0.15 -4.84
C GLY A 245 -16.49 1.65 -5.04
N LEU A 246 -17.43 2.09 -5.86
CA LEU A 246 -17.60 3.57 -6.17
C LEU A 246 -18.28 4.25 -4.99
N PRO A 247 -17.90 5.48 -4.64
CA PRO A 247 -18.57 6.21 -3.56
C PRO A 247 -19.93 6.80 -4.00
N SER A 248 -20.80 7.11 -3.06
CA SER A 248 -22.13 7.53 -3.46
C SER A 248 -22.38 9.03 -3.12
N ILE A 249 -21.40 9.72 -2.58
CA ILE A 249 -21.53 11.16 -2.25
C ILE A 249 -20.30 11.90 -2.80
N PRO A 250 -20.49 13.16 -3.23
CA PRO A 250 -19.37 13.97 -3.73
C PRO A 250 -18.25 14.23 -2.70
N VAL A 251 -16.99 14.27 -3.17
CA VAL A 251 -15.82 14.46 -2.29
C VAL A 251 -14.78 15.36 -2.98
N HIS A 252 -14.13 16.24 -2.18
CA HIS A 252 -13.06 17.12 -2.74
C HIS A 252 -12.02 17.43 -1.65
N PRO A 253 -10.73 17.50 -2.04
CA PRO A 253 -9.59 17.87 -1.19
C PRO A 253 -9.14 19.34 -1.36
N ILE A 254 -8.68 19.95 -0.26
CA ILE A 254 -8.22 21.34 -0.15
C ILE A 254 -6.98 21.47 0.76
N GLY A 255 -6.31 22.64 0.63
CA GLY A 255 -5.13 22.98 1.42
C GLY A 255 -5.53 23.70 2.70
N TYR A 256 -4.58 24.00 3.59
CA TYR A 256 -4.95 24.54 4.94
C TYR A 256 -5.31 26.04 4.91
N TYR A 257 -4.84 26.85 3.93
CA TYR A 257 -5.41 28.24 3.77
C TYR A 257 -6.93 28.16 3.53
N ASP A 258 -7.37 27.41 2.51
CA ASP A 258 -8.79 27.23 2.28
C ASP A 258 -9.57 26.59 3.46
N ALA A 259 -8.93 25.66 4.17
CA ALA A 259 -9.59 24.98 5.28
C ALA A 259 -9.82 25.93 6.47
N GLN A 260 -8.84 26.78 6.76
CA GLN A 260 -9.00 27.83 7.79
C GLN A 260 -10.26 28.69 7.53
N LYS A 261 -10.50 29.11 6.30
CA LYS A 261 -11.72 29.88 5.98
C LYS A 261 -12.99 29.08 6.33
N LEU A 262 -13.01 27.77 6.07
CA LEU A 262 -14.24 26.95 6.28
C LEU A 262 -14.44 26.58 7.75
N LEU A 263 -13.36 26.46 8.52
CA LEU A 263 -13.48 26.04 9.93
C LEU A 263 -13.66 27.27 10.85
N GLU A 264 -13.26 28.47 10.43
CA GLU A 264 -13.05 29.57 11.44
C GLU A 264 -14.40 30.01 12.04
N LYS A 265 -15.50 29.74 11.35
CA LYS A 265 -16.84 30.18 11.72
C LYS A 265 -17.64 29.09 12.43
N MET A 266 -17.03 27.93 12.72
CA MET A 266 -17.81 26.77 13.25
C MET A 266 -18.29 26.96 14.71
N GLY A 267 -19.56 26.55 14.93
CA GLY A 267 -20.20 26.64 16.26
C GLY A 267 -20.48 25.28 16.88
N GLY A 268 -21.57 25.20 17.63
CA GLY A 268 -21.98 23.96 18.28
C GLY A 268 -21.05 23.55 19.40
N SER A 269 -20.89 22.24 19.56
CA SER A 269 -20.11 21.65 20.65
C SER A 269 -18.62 21.96 20.50
N ALA A 270 -17.95 22.03 21.63
CA ALA A 270 -16.50 22.14 21.65
C ALA A 270 -15.87 20.82 21.18
N PRO A 271 -14.61 20.85 20.71
CA PRO A 271 -13.93 19.56 20.53
C PRO A 271 -13.95 18.77 21.85
N PRO A 272 -14.17 17.45 21.79
CA PRO A 272 -14.27 16.65 23.01
C PRO A 272 -12.92 16.50 23.76
N ASP A 273 -11.80 16.73 23.11
CA ASP A 273 -10.50 16.70 23.81
C ASP A 273 -9.39 17.22 22.85
N SER A 274 -8.17 17.34 23.35
CA SER A 274 -7.06 17.95 22.61
C SER A 274 -6.61 17.09 21.40
N SER A 275 -6.94 15.79 21.34
CA SER A 275 -6.60 14.92 20.17
C SER A 275 -7.50 15.23 18.96
N TRP A 276 -8.53 16.06 19.14
CA TRP A 276 -9.38 16.56 18.06
C TRP A 276 -8.88 17.94 17.54
N ARG A 277 -7.91 18.58 18.19
CA ARG A 277 -7.46 19.91 17.74
C ARG A 277 -6.21 19.78 16.84
N GLY A 278 -6.24 20.41 15.67
CA GLY A 278 -5.04 20.57 14.84
C GLY A 278 -4.24 21.81 15.21
N SER A 279 -3.56 22.40 14.24
CA SER A 279 -2.57 23.48 14.46
C SER A 279 -3.12 24.84 14.04
N LEU A 280 -4.21 24.93 13.33
CA LEU A 280 -4.64 26.23 12.83
C LEU A 280 -5.25 27.04 13.97
N LYS A 281 -5.40 28.33 13.74
CA LYS A 281 -5.88 29.28 14.75
C LYS A 281 -7.41 29.31 14.72
N VAL A 282 -8.04 28.20 15.05
CA VAL A 282 -9.48 28.07 15.05
C VAL A 282 -9.86 27.18 16.24
N PRO A 283 -11.13 27.23 16.66
CA PRO A 283 -11.53 26.45 17.84
C PRO A 283 -11.57 24.94 17.57
N TYR A 284 -11.83 24.50 16.34
CA TYR A 284 -12.00 23.06 16.02
C TYR A 284 -13.32 22.57 16.65
N ASN A 285 -14.33 23.42 16.60
CA ASN A 285 -15.67 23.05 17.07
C ASN A 285 -16.25 22.04 16.08
N VAL A 286 -17.11 21.19 16.59
CA VAL A 286 -17.60 20.03 15.89
C VAL A 286 -18.86 20.38 15.08
N GLY A 287 -19.56 21.45 15.44
CA GLY A 287 -20.80 21.83 14.74
C GLY A 287 -22.01 21.19 15.42
N PRO A 288 -23.12 20.99 14.70
CA PRO A 288 -23.27 21.35 13.27
C PRO A 288 -23.43 22.86 13.04
N GLY A 289 -23.04 23.36 11.87
CA GLY A 289 -23.30 24.76 11.45
C GLY A 289 -22.34 25.79 12.04
N PHE A 290 -22.54 27.06 11.67
CA PHE A 290 -21.65 28.17 12.09
C PHE A 290 -22.24 28.88 13.32
N THR A 291 -21.43 29.66 14.05
CA THR A 291 -21.89 30.51 15.21
C THR A 291 -22.82 31.64 14.76
N GLY A 292 -23.56 32.17 15.75
CA GLY A 292 -24.80 32.95 15.59
C GLY A 292 -24.77 34.01 14.50
N ASN A 293 -23.74 34.84 14.43
CA ASN A 293 -23.76 35.93 13.44
C ASN A 293 -23.92 35.35 12.02
N PHE A 294 -23.28 34.21 11.75
CA PHE A 294 -23.23 33.61 10.40
C PHE A 294 -24.06 32.32 10.35
N SER A 295 -25.09 32.22 11.17
CA SER A 295 -25.84 31.00 11.30
C SER A 295 -26.65 30.68 10.05
N THR A 296 -26.88 31.63 9.14
CA THR A 296 -27.70 31.32 7.95
C THR A 296 -26.82 31.12 6.71
N GLN A 297 -25.50 31.26 6.87
CA GLN A 297 -24.58 30.92 5.77
C GLN A 297 -24.52 29.38 5.63
N LYS A 298 -24.04 28.89 4.48
CA LYS A 298 -23.96 27.45 4.21
C LYS A 298 -22.72 27.14 3.35
N VAL A 299 -22.34 25.86 3.29
CA VAL A 299 -21.27 25.37 2.41
C VAL A 299 -21.89 24.63 1.21
N LYS A 300 -21.34 24.88 0.02
CA LYS A 300 -21.82 24.26 -1.17
C LYS A 300 -20.65 23.69 -2.02
N MET A 301 -20.81 22.46 -2.47
CA MET A 301 -19.79 21.79 -3.28
C MET A 301 -20.19 21.88 -4.76
N HIS A 302 -19.22 21.92 -5.68
CA HIS A 302 -19.50 21.82 -7.09
C HIS A 302 -18.57 20.79 -7.71
N ILE A 303 -19.09 19.60 -8.04
CA ILE A 303 -18.22 18.52 -8.57
C ILE A 303 -18.75 18.05 -9.93
N HIS A 304 -17.89 18.04 -10.95
CA HIS A 304 -18.28 17.69 -12.31
C HIS A 304 -17.29 16.69 -12.94
N SER A 305 -16.49 15.96 -12.14
CA SER A 305 -15.59 14.94 -12.65
C SER A 305 -16.40 13.86 -13.37
N THR A 306 -15.78 13.19 -14.37
CA THR A 306 -16.43 12.05 -15.11
C THR A 306 -15.55 10.79 -15.08
N ASN A 307 -16.24 9.65 -15.02
CA ASN A 307 -15.63 8.33 -15.02
C ASN A 307 -15.61 7.88 -16.48
N GLU A 308 -14.52 7.30 -16.97
CA GLU A 308 -14.52 6.76 -18.34
C GLU A 308 -13.46 5.68 -18.55
N VAL A 309 -13.83 4.79 -19.46
CA VAL A 309 -13.06 3.59 -19.78
C VAL A 309 -11.91 4.07 -20.66
N THR A 310 -10.68 3.84 -20.22
CA THR A 310 -9.48 4.43 -20.81
C THR A 310 -8.42 3.31 -20.91
N ARG A 311 -7.55 3.33 -21.93
CA ARG A 311 -6.56 2.25 -22.08
C ARG A 311 -5.33 2.58 -21.20
N ILE A 312 -4.78 1.55 -20.56
CA ILE A 312 -3.56 1.61 -19.75
C ILE A 312 -2.55 0.56 -20.26
N TYR A 313 -1.25 0.72 -19.92
CA TYR A 313 -0.16 -0.09 -20.51
C TYR A 313 0.87 -0.50 -19.44
N ASN A 314 1.00 -1.81 -19.21
CA ASN A 314 2.10 -2.36 -18.37
C ASN A 314 3.27 -2.73 -19.27
N VAL A 315 4.49 -2.50 -18.78
CA VAL A 315 5.70 -3.07 -19.47
C VAL A 315 6.17 -4.32 -18.72
N ILE A 316 6.33 -5.45 -19.43
CA ILE A 316 6.67 -6.78 -18.86
C ILE A 316 7.98 -7.22 -19.53
N GLY A 317 9.08 -7.23 -18.78
CA GLY A 317 10.38 -7.75 -19.25
C GLY A 317 10.71 -9.10 -18.63
N THR A 318 11.39 -9.95 -19.41
CA THR A 318 11.64 -11.34 -19.04
C THR A 318 13.15 -11.62 -19.15
N LEU A 319 13.74 -12.23 -18.13
CA LEU A 319 15.12 -12.78 -18.20
C LEU A 319 15.08 -14.27 -17.85
N ARG A 320 15.12 -15.13 -18.87
CA ARG A 320 14.91 -16.57 -18.75
C ARG A 320 15.98 -17.24 -17.86
N GLY A 321 15.48 -18.12 -17.01
CA GLY A 321 16.32 -18.91 -16.11
C GLY A 321 17.02 -20.03 -16.87
N ALA A 322 18.23 -20.37 -16.41
CA ALA A 322 19.06 -21.40 -17.05
C ALA A 322 18.61 -22.80 -16.66
N VAL A 323 18.15 -22.98 -15.42
CA VAL A 323 17.87 -24.33 -14.85
C VAL A 323 16.37 -24.51 -14.58
N GLU A 324 15.74 -23.53 -13.92
CA GLU A 324 14.29 -23.58 -13.61
C GLU A 324 13.56 -22.41 -14.30
N PRO A 325 13.45 -22.46 -15.64
CA PRO A 325 12.81 -21.39 -16.41
C PRO A 325 11.31 -21.26 -16.06
N ASP A 326 10.73 -22.33 -15.50
CA ASP A 326 9.32 -22.35 -15.07
C ASP A 326 9.08 -21.98 -13.61
N ARG A 327 10.01 -21.26 -13.01
CA ARG A 327 9.87 -20.67 -11.68
C ARG A 327 10.11 -19.18 -11.80
N TYR A 328 9.19 -18.37 -11.27
CA TYR A 328 9.19 -16.89 -11.51
C TYR A 328 9.45 -16.08 -10.23
N VAL A 329 10.47 -15.21 -10.31
CA VAL A 329 10.76 -14.20 -9.28
C VAL A 329 10.42 -12.85 -9.91
N ILE A 330 9.53 -12.07 -9.27
CA ILE A 330 9.02 -10.84 -9.88
C ILE A 330 9.49 -9.59 -9.10
N LEU A 331 10.07 -8.62 -9.83
CA LEU A 331 10.31 -7.27 -9.33
C LEU A 331 9.34 -6.31 -10.05
N GLY A 332 8.40 -5.69 -9.31
CA GLY A 332 7.36 -4.82 -9.89
C GLY A 332 7.16 -3.49 -9.17
N GLY A 333 6.95 -2.42 -9.94
CA GLY A 333 6.51 -1.16 -9.36
C GLY A 333 5.84 -0.28 -10.40
N HIS A 334 5.08 0.71 -9.97
CA HIS A 334 4.28 1.47 -10.96
C HIS A 334 5.09 2.65 -11.53
N ARG A 335 4.56 3.18 -12.64
CA ARG A 335 5.12 4.25 -13.47
C ARG A 335 4.18 5.47 -13.55
N ASP A 336 2.86 5.29 -13.40
CA ASP A 336 1.89 6.43 -13.43
C ASP A 336 2.04 7.31 -12.18
N SER A 337 1.84 8.63 -12.33
CA SER A 337 1.99 9.59 -11.21
C SER A 337 0.79 10.56 -11.20
N TRP A 338 0.51 11.20 -10.05
CA TRP A 338 -0.56 12.26 -10.02
C TRP A 338 -0.07 13.51 -10.78
N VAL A 339 1.11 14.03 -10.48
CA VAL A 339 1.74 15.06 -11.35
C VAL A 339 3.15 14.58 -11.76
N PHE A 340 4.24 15.09 -11.15
CA PHE A 340 5.67 14.83 -11.63
C PHE A 340 6.27 13.54 -11.06
N GLY A 341 5.75 13.10 -9.94
CA GLY A 341 6.15 11.80 -9.35
C GLY A 341 7.59 11.77 -8.79
N GLY A 342 8.06 12.90 -8.27
CA GLY A 342 9.47 13.02 -7.81
C GLY A 342 9.87 11.93 -6.82
N ILE A 343 8.99 11.65 -5.85
CA ILE A 343 9.19 10.52 -4.92
C ILE A 343 8.32 9.35 -5.39
N ASP A 344 7.02 9.59 -5.41
CA ASP A 344 6.03 8.59 -5.66
C ASP A 344 5.54 8.63 -7.14
N PRO A 345 5.97 7.76 -8.05
CA PRO A 345 6.76 6.56 -7.86
C PRO A 345 8.20 6.58 -8.41
N GLN A 346 8.66 7.68 -9.01
CA GLN A 346 9.82 7.58 -9.92
C GLN A 346 11.12 7.34 -9.11
N SER A 347 11.16 7.71 -7.81
CA SER A 347 12.31 7.34 -6.94
C SER A 347 12.47 5.82 -6.84
N GLY A 348 11.33 5.11 -7.01
CA GLY A 348 11.30 3.63 -7.10
C GLY A 348 11.56 3.10 -8.50
N ALA A 349 10.92 3.68 -9.50
CA ALA A 349 11.10 3.21 -10.89
C ALA A 349 12.52 3.44 -11.39
N ALA A 350 13.21 4.48 -10.86
CA ALA A 350 14.59 4.76 -11.30
C ALA A 350 15.54 3.67 -10.79
N VAL A 351 15.28 3.21 -9.57
CA VAL A 351 15.97 2.04 -8.92
C VAL A 351 15.68 0.77 -9.73
N VAL A 352 14.42 0.51 -10.07
CA VAL A 352 14.14 -0.67 -10.93
C VAL A 352 14.99 -0.57 -12.21
N HIS A 353 15.02 0.60 -12.88
CA HIS A 353 15.78 0.82 -14.15
C HIS A 353 17.27 0.45 -13.97
N GLU A 354 17.88 0.89 -12.90
CA GLU A 354 19.30 0.57 -12.63
C GLU A 354 19.49 -0.93 -12.34
N ILE A 355 18.53 -1.56 -11.63
CA ILE A 355 18.58 -3.02 -11.34
C ILE A 355 18.51 -3.79 -12.66
N VAL A 356 17.60 -3.41 -13.57
CA VAL A 356 17.56 -4.11 -14.90
C VAL A 356 18.93 -3.95 -15.58
N ARG A 357 19.49 -2.73 -15.54
CA ARG A 357 20.74 -2.46 -16.26
C ARG A 357 21.85 -3.39 -15.75
N SER A 358 21.98 -3.55 -14.42
N SER A 358 21.96 -3.56 -14.42
CA SER A 358 23.06 -4.41 -13.84
CA SER A 358 23.00 -4.39 -13.82
C SER A 358 22.84 -5.89 -14.19
C SER A 358 22.83 -5.87 -14.19
N PHE A 359 21.61 -6.41 -14.09
CA PHE A 359 21.38 -7.83 -14.44
C PHE A 359 21.74 -8.02 -15.93
N GLY A 360 21.46 -7.02 -16.76
CA GLY A 360 21.76 -7.06 -18.19
C GLY A 360 23.27 -7.04 -18.49
N THR A 361 24.04 -6.34 -17.65
CA THR A 361 25.49 -6.34 -17.74
C THR A 361 25.99 -7.78 -17.55
N LEU A 362 25.55 -8.45 -16.50
CA LEU A 362 25.97 -9.81 -16.27
C LEU A 362 25.55 -10.72 -17.44
N LYS A 363 24.34 -10.54 -17.95
CA LYS A 363 23.84 -11.41 -18.99
C LYS A 363 24.68 -11.28 -20.29
N LYS A 364 25.17 -10.08 -20.62
CA LYS A 364 25.96 -9.88 -21.85
C LYS A 364 27.33 -10.54 -21.76
N GLU A 365 27.83 -10.78 -20.55
CA GLU A 365 29.09 -11.53 -20.29
C GLU A 365 28.83 -13.04 -20.20
N GLY A 366 27.60 -13.49 -20.42
CA GLY A 366 27.28 -14.89 -20.57
C GLY A 366 26.54 -15.49 -19.38
N TRP A 367 26.22 -14.71 -18.35
CA TRP A 367 25.54 -15.24 -17.14
C TRP A 367 24.03 -15.31 -17.38
N ARG A 368 23.39 -16.22 -16.65
CA ARG A 368 21.95 -16.25 -16.48
C ARG A 368 21.62 -16.68 -15.04
N PRO A 369 20.52 -16.15 -14.50
CA PRO A 369 20.10 -16.67 -13.23
C PRO A 369 19.59 -18.13 -13.32
N ARG A 370 19.59 -18.85 -12.20
CA ARG A 370 18.96 -20.19 -12.10
C ARG A 370 17.47 -20.15 -12.48
N ARG A 371 16.66 -19.30 -11.84
CA ARG A 371 15.18 -19.16 -12.11
C ARG A 371 14.86 -17.93 -12.99
N THR A 372 13.71 -17.94 -13.67
CA THR A 372 13.27 -16.78 -14.47
C THR A 372 13.00 -15.57 -13.55
N ILE A 373 13.45 -14.37 -13.97
CA ILE A 373 13.12 -13.05 -13.35
C ILE A 373 12.26 -12.25 -14.33
N LEU A 374 11.11 -11.78 -13.84
CA LEU A 374 10.16 -10.94 -14.55
C LEU A 374 10.21 -9.52 -13.91
N PHE A 375 10.31 -8.49 -14.76
CA PHE A 375 10.36 -7.08 -14.36
C PHE A 375 9.11 -6.39 -14.88
N ALA A 376 8.48 -5.56 -14.04
CA ALA A 376 7.21 -4.90 -14.39
C ALA A 376 7.22 -3.39 -14.05
N SER A 377 6.74 -2.61 -15.03
CA SER A 377 6.38 -1.17 -14.90
C SER A 377 4.85 -1.10 -14.95
N TRP A 378 4.18 -1.05 -13.80
CA TRP A 378 2.70 -1.08 -13.76
C TRP A 378 2.13 0.30 -14.12
N ASP A 379 0.93 0.27 -14.73
CA ASP A 379 0.13 1.46 -14.94
C ASP A 379 -1.05 1.53 -13.95
N ALA A 380 -1.62 2.71 -13.86
CA ALA A 380 -2.83 3.03 -13.13
C ALA A 380 -2.82 2.52 -11.68
N GLU A 381 -1.66 2.43 -11.02
CA GLU A 381 -1.64 2.14 -9.60
C GLU A 381 -2.45 3.19 -8.83
N GLU A 382 -2.38 4.46 -9.23
CA GLU A 382 -2.96 5.57 -8.39
C GLU A 382 -4.51 5.54 -8.39
N PHE A 383 -5.08 4.85 -9.38
CA PHE A 383 -6.55 4.73 -9.57
C PHE A 383 -7.08 3.38 -9.04
N GLY A 384 -6.27 2.61 -8.28
CA GLY A 384 -6.74 1.40 -7.54
C GLY A 384 -5.96 0.11 -7.86
N LEU A 385 -4.65 0.20 -8.09
CA LEU A 385 -3.84 -1.00 -8.30
C LEU A 385 -4.36 -1.75 -9.54
N LEU A 386 -4.80 -1.00 -10.55
CA LEU A 386 -5.57 -1.56 -11.67
C LEU A 386 -4.65 -2.31 -12.64
N GLY A 387 -3.48 -1.77 -12.94
CA GLY A 387 -2.58 -2.44 -13.92
C GLY A 387 -2.04 -3.78 -13.38
N SER A 388 -1.49 -3.78 -12.18
CA SER A 388 -1.01 -5.04 -11.56
C SER A 388 -2.16 -6.08 -11.48
N THR A 389 -3.34 -5.64 -10.98
CA THR A 389 -4.44 -6.57 -10.71
C THR A 389 -4.96 -7.18 -12.03
N GLU A 390 -5.16 -6.39 -13.07
CA GLU A 390 -5.69 -6.94 -14.38
C GLU A 390 -4.68 -7.94 -14.99
N TRP A 391 -3.38 -7.62 -14.94
CA TRP A 391 -2.33 -8.54 -15.46
C TRP A 391 -2.35 -9.86 -14.65
N ALA A 392 -2.40 -9.78 -13.30
CA ALA A 392 -2.45 -11.02 -12.47
C ALA A 392 -3.74 -11.80 -12.75
N GLU A 393 -4.89 -11.13 -12.97
CA GLU A 393 -6.16 -11.86 -13.31
C GLU A 393 -5.99 -12.63 -14.62
N GLU A 394 -5.25 -12.03 -15.55
CA GLU A 394 -5.06 -12.65 -16.85
C GLU A 394 -4.13 -13.87 -16.74
N ASN A 395 -3.10 -13.79 -15.92
CA ASN A 395 -2.04 -14.77 -15.83
C ASN A 395 -2.15 -15.59 -14.52
N SER A 396 -3.34 -15.65 -13.86
CA SER A 396 -3.51 -16.31 -12.52
C SER A 396 -2.98 -17.74 -12.48
N ARG A 397 -3.27 -18.55 -13.52
CA ARG A 397 -2.91 -19.98 -13.50
C ARG A 397 -1.38 -20.17 -13.53
N LEU A 398 -0.67 -19.34 -14.28
CA LEU A 398 0.82 -19.40 -14.34
C LEU A 398 1.41 -18.94 -12.99
N LEU A 399 0.88 -17.84 -12.45
CA LEU A 399 1.45 -17.27 -11.20
C LEU A 399 1.21 -18.19 -10.02
N GLN A 400 0.08 -18.86 -9.99
CA GLN A 400 -0.12 -19.70 -8.83
C GLN A 400 0.62 -21.04 -8.90
N GLU A 401 0.89 -21.61 -10.07
CA GLU A 401 1.67 -22.84 -10.09
C GLU A 401 3.17 -22.54 -10.25
N ARG A 402 3.58 -21.33 -10.65
CA ARG A 402 5.02 -21.08 -10.93
C ARG A 402 5.61 -19.92 -10.10
N GLY A 403 4.84 -19.14 -9.33
CA GLY A 403 5.35 -17.92 -8.72
C GLY A 403 6.04 -18.18 -7.38
N VAL A 404 7.33 -17.88 -7.35
CA VAL A 404 8.15 -18.03 -6.14
C VAL A 404 7.95 -16.86 -5.18
N ALA A 405 8.09 -15.63 -5.69
CA ALA A 405 8.08 -14.48 -4.83
C ALA A 405 7.82 -13.22 -5.65
N TYR A 406 7.31 -12.19 -4.95
CA TYR A 406 7.11 -10.83 -5.52
C TYR A 406 7.72 -9.78 -4.60
N ILE A 407 8.60 -8.94 -5.18
CA ILE A 407 9.26 -7.80 -4.50
C ILE A 407 8.71 -6.49 -5.12
N ASN A 408 8.11 -5.64 -4.30
CA ASN A 408 7.48 -4.37 -4.77
C ASN A 408 8.57 -3.28 -4.91
N ALA A 409 8.25 -2.22 -5.68
CA ALA A 409 9.26 -1.15 -5.89
C ALA A 409 8.56 0.18 -6.22
N ASP A 410 7.77 0.67 -5.26
CA ASP A 410 7.29 2.04 -5.30
C ASP A 410 8.38 2.91 -4.59
N SER A 411 7.97 4.06 -4.04
CA SER A 411 8.88 5.08 -3.47
C SER A 411 10.05 4.45 -2.71
N SER A 412 11.30 4.85 -3.08
CA SER A 412 12.54 4.40 -2.43
C SER A 412 12.82 5.14 -1.11
N ILE A 413 12.26 6.33 -0.95
CA ILE A 413 12.49 7.22 0.25
C ILE A 413 11.13 7.83 0.64
N GLU A 414 10.84 7.90 1.95
CA GLU A 414 9.84 8.86 2.54
C GLU A 414 10.49 9.58 3.73
N GLY A 415 11.80 9.43 3.86
CA GLY A 415 12.64 10.01 4.93
C GLY A 415 14.12 9.69 4.68
N ASN A 416 15.00 10.03 5.60
CA ASN A 416 16.45 9.78 5.43
C ASN A 416 17.07 9.30 6.76
N TYR A 417 16.26 8.68 7.64
CA TYR A 417 16.71 8.25 8.98
C TYR A 417 17.17 6.78 9.01
N THR A 418 16.33 5.82 8.60
CA THR A 418 16.78 4.38 8.56
C THR A 418 15.90 3.57 7.57
N LEU A 419 16.17 2.26 7.50
CA LEU A 419 15.45 1.30 6.63
C LEU A 419 14.07 0.94 7.20
N ARG A 420 13.15 0.65 6.28
CA ARG A 420 11.84 0.08 6.57
C ARG A 420 11.65 -1.17 5.71
N VAL A 421 11.37 -2.32 6.34
CA VAL A 421 11.00 -3.56 5.63
C VAL A 421 9.64 -4.02 6.19
N ASP A 422 8.69 -4.32 5.27
CA ASP A 422 7.46 -5.08 5.57
C ASP A 422 7.45 -6.32 4.65
N CYS A 423 7.30 -7.53 5.19
CA CYS A 423 7.27 -8.75 4.37
C CYS A 423 6.65 -9.93 5.12
N THR A 424 6.37 -10.99 4.35
CA THR A 424 6.01 -12.30 4.90
C THR A 424 7.10 -12.78 5.85
N PRO A 425 6.73 -13.44 6.97
CA PRO A 425 7.73 -14.11 7.82
C PRO A 425 8.72 -15.01 7.05
N LEU A 426 8.33 -15.59 5.89
CA LEU A 426 9.21 -16.51 5.17
C LEU A 426 10.50 -15.80 4.70
N MET A 427 10.51 -14.46 4.64
CA MET A 427 11.71 -13.71 4.14
C MET A 427 12.49 -13.06 5.32
N TYR A 428 12.11 -13.24 6.60
CA TYR A 428 12.79 -12.53 7.74
C TYR A 428 14.30 -12.85 7.73
N SER A 429 14.62 -14.13 7.58
CA SER A 429 16.02 -14.64 7.64
C SER A 429 16.84 -14.15 6.44
N LEU A 430 16.30 -14.24 5.23
CA LEU A 430 16.89 -13.63 4.03
C LEU A 430 17.23 -12.16 4.27
N VAL A 431 16.33 -11.40 4.89
CA VAL A 431 16.54 -9.92 5.04
C VAL A 431 17.67 -9.66 6.06
N HIS A 432 17.66 -10.43 7.16
CA HIS A 432 18.68 -10.31 8.20
C HIS A 432 20.05 -10.63 7.57
N ASN A 433 20.17 -11.71 6.82
CA ASN A 433 21.47 -12.11 6.26
C ASN A 433 21.96 -11.12 5.19
N LEU A 434 21.06 -10.57 4.38
CA LEU A 434 21.51 -9.72 3.29
C LEU A 434 21.99 -8.37 3.87
N THR A 435 21.24 -7.79 4.82
CA THR A 435 21.58 -6.47 5.38
C THR A 435 22.88 -6.51 6.21
N LYS A 436 23.29 -7.69 6.70
CA LYS A 436 24.58 -7.86 7.42
C LYS A 436 25.75 -7.78 6.45
N GLU A 437 25.53 -8.03 5.16
CA GLU A 437 26.57 -8.03 4.13
C GLU A 437 26.58 -6.67 3.40
N LEU A 438 25.73 -5.73 3.79
CA LEU A 438 25.64 -4.41 3.10
C LEU A 438 26.22 -3.31 3.99
N LYS A 439 26.77 -2.27 3.35
CA LYS A 439 27.36 -1.13 4.09
C LYS A 439 26.27 -0.14 4.53
N SER A 440 26.40 0.44 5.73
CA SER A 440 25.44 1.47 6.18
C SER A 440 25.76 2.81 5.50
N PRO A 441 24.75 3.52 5.00
CA PRO A 441 25.04 4.84 4.44
C PRO A 441 24.86 5.93 5.50
N ASP A 442 24.54 5.55 6.72
CA ASP A 442 24.20 6.52 7.76
C ASP A 442 25.48 7.20 8.33
N GLU A 443 25.40 8.50 8.58
CA GLU A 443 26.50 9.24 9.24
C GLU A 443 26.57 8.70 10.66
N GLY A 444 27.79 8.47 11.12
CA GLY A 444 28.05 7.83 12.40
C GLY A 444 28.12 6.31 12.30
N PHE A 445 27.93 5.71 11.12
CA PHE A 445 28.03 4.23 10.99
C PHE A 445 28.94 3.91 9.80
N GLU A 446 29.88 4.82 9.55
CA GLU A 446 30.86 4.67 8.49
C GLU A 446 31.60 3.35 8.76
N GLY A 447 31.73 2.44 7.79
CA GLY A 447 32.40 1.16 8.04
C GLY A 447 31.56 0.11 8.78
N LYS A 448 30.31 0.42 9.13
CA LYS A 448 29.43 -0.56 9.80
C LYS A 448 28.42 -1.13 8.79
N SER A 449 27.79 -2.26 9.14
CA SER A 449 26.77 -2.92 8.31
C SER A 449 25.43 -2.15 8.38
N LEU A 450 24.66 -2.25 7.29
CA LEU A 450 23.23 -1.80 7.28
C LEU A 450 22.43 -2.50 8.41
N TYR A 451 22.71 -3.76 8.69
CA TYR A 451 22.02 -4.47 9.81
C TYR A 451 22.22 -3.74 11.15
N GLU A 452 23.46 -3.28 11.41
CA GLU A 452 23.81 -2.68 12.71
C GLU A 452 23.13 -1.31 12.87
N SER A 453 23.18 -0.48 11.82
CA SER A 453 22.56 0.84 11.92
C SER A 453 21.03 0.72 12.01
N TRP A 454 20.43 -0.17 11.19
CA TRP A 454 18.97 -0.37 11.21
C TRP A 454 18.51 -0.89 12.59
N THR A 455 19.28 -1.83 13.13
CA THR A 455 18.92 -2.46 14.39
C THR A 455 18.99 -1.45 15.55
N LYS A 456 20.02 -0.62 15.51
CA LYS A 456 20.22 0.45 16.49
C LYS A 456 19.13 1.53 16.37
N LYS A 457 18.84 2.02 15.18
CA LYS A 457 17.87 3.12 15.04
C LYS A 457 16.40 2.66 15.07
N SER A 458 16.12 1.38 14.82
CA SER A 458 14.74 0.88 14.74
C SER A 458 14.63 -0.50 15.39
N PRO A 459 14.77 -0.56 16.74
CA PRO A 459 14.83 -1.85 17.41
C PRO A 459 13.51 -2.60 17.30
N SER A 460 13.62 -3.91 17.21
CA SER A 460 12.45 -4.77 17.37
C SER A 460 11.75 -4.50 18.72
N PRO A 461 10.41 -4.48 18.74
CA PRO A 461 9.67 -4.48 20.01
C PRO A 461 9.89 -5.79 20.79
N GLU A 462 10.01 -6.93 20.11
CA GLU A 462 9.96 -8.26 20.78
C GLU A 462 11.35 -8.72 21.23
N PHE A 463 12.41 -8.50 20.46
CA PHE A 463 13.66 -9.27 20.64
C PHE A 463 14.89 -8.33 20.60
N SER A 464 15.68 -8.41 21.65
CA SER A 464 16.87 -7.58 21.75
C SER A 464 17.87 -7.99 20.65
N GLY A 465 18.53 -7.02 20.01
CA GLY A 465 19.59 -7.29 19.02
C GLY A 465 19.05 -7.58 17.62
N MET A 466 17.75 -7.33 17.40
CA MET A 466 17.06 -7.49 16.08
C MET A 466 16.38 -6.18 15.67
N PRO A 467 16.17 -5.98 14.36
CA PRO A 467 15.42 -4.81 13.89
C PRO A 467 13.91 -5.07 13.73
N ARG A 468 13.13 -3.98 13.68
CA ARG A 468 11.69 -4.07 13.45
C ARG A 468 11.42 -4.47 11.99
N ILE A 469 10.65 -5.51 11.77
CA ILE A 469 10.09 -5.82 10.42
C ILE A 469 8.57 -5.92 10.56
N SER A 470 7.80 -5.12 9.83
CA SER A 470 6.28 -5.11 9.95
C SER A 470 5.61 -6.08 9.00
N LYS A 471 4.34 -6.32 9.32
N LYS A 471 4.38 -6.44 9.30
CA LYS A 471 3.41 -7.07 8.50
CA LYS A 471 3.60 -7.25 8.42
C LYS A 471 3.13 -6.29 7.21
C LYS A 471 3.13 -6.37 7.25
N LEU A 472 2.84 -6.98 6.10
CA LEU A 472 2.36 -6.26 4.92
C LEU A 472 0.93 -5.81 5.21
N GLY A 473 0.61 -4.57 4.79
CA GLY A 473 -0.77 -4.07 4.71
C GLY A 473 -1.23 -4.07 3.27
N SER A 474 -1.78 -2.95 2.79
CA SER A 474 -2.13 -2.82 1.40
C SER A 474 -2.05 -1.35 0.93
N GLY A 475 -2.70 -1.03 -0.18
CA GLY A 475 -2.49 0.26 -0.81
C GLY A 475 -1.27 0.30 -1.74
N ASN A 476 -0.89 -0.85 -2.29
CA ASN A 476 0.19 -0.87 -3.31
C ASN A 476 0.14 -2.20 -4.07
N ASP A 477 0.96 -2.33 -5.12
CA ASP A 477 0.80 -3.36 -6.19
C ASP A 477 1.08 -4.82 -5.78
N PHE A 478 1.53 -5.04 -4.54
CA PHE A 478 1.71 -6.45 -4.05
C PHE A 478 0.36 -7.09 -3.64
N GLU A 479 -0.73 -6.31 -3.54
CA GLU A 479 -1.98 -6.77 -2.92
C GLU A 479 -2.50 -8.02 -3.66
N VAL A 480 -2.50 -7.99 -4.98
CA VAL A 480 -3.15 -9.16 -5.72
C VAL A 480 -2.23 -10.41 -5.58
N PHE A 481 -0.90 -10.20 -5.57
CA PHE A 481 0.05 -11.35 -5.54
C PHE A 481 0.02 -12.05 -4.15
N PHE A 482 -0.03 -11.27 -3.04
CA PHE A 482 0.00 -11.78 -1.65
C PHE A 482 -1.42 -12.17 -1.14
N GLN A 483 -2.36 -11.23 -1.03
CA GLN A 483 -3.63 -11.52 -0.34
C GLN A 483 -4.63 -12.24 -1.26
N ARG A 484 -4.53 -12.12 -2.59
CA ARG A 484 -5.42 -12.93 -3.49
C ARG A 484 -4.76 -14.27 -3.86
N LEU A 485 -3.54 -14.25 -4.42
CA LEU A 485 -2.89 -15.48 -4.96
C LEU A 485 -1.98 -16.24 -3.97
N GLY A 486 -1.47 -15.65 -2.87
CA GLY A 486 -0.69 -16.34 -1.91
C GLY A 486 0.74 -16.63 -2.38
N ILE A 487 1.33 -15.64 -3.05
CA ILE A 487 2.75 -15.61 -3.38
C ILE A 487 3.53 -14.77 -2.34
N ALA A 488 4.58 -15.36 -1.75
CA ALA A 488 5.43 -14.69 -0.74
C ALA A 488 5.84 -13.30 -1.25
N SER A 489 5.62 -12.25 -0.47
CA SER A 489 5.91 -10.91 -0.94
C SER A 489 6.69 -10.09 0.10
N GLY A 490 7.37 -9.05 -0.41
CA GLY A 490 8.10 -8.10 0.45
C GLY A 490 8.26 -6.72 -0.20
N ARG A 491 8.58 -5.72 0.63
CA ARG A 491 8.92 -4.38 0.19
C ARG A 491 9.96 -3.74 1.15
N ALA A 492 10.69 -2.73 0.67
CA ALA A 492 11.75 -2.02 1.46
C ALA A 492 11.98 -0.59 0.92
N ARG A 493 12.25 0.36 1.85
CA ARG A 493 12.57 1.75 1.50
C ARG A 493 13.26 2.46 2.67
N TYR A 494 13.81 3.66 2.44
CA TYR A 494 14.30 4.53 3.60
C TYR A 494 13.11 5.32 4.15
N THR A 495 13.07 5.53 5.47
CA THR A 495 11.92 6.16 6.15
C THR A 495 12.43 7.11 7.25
N LYS A 496 11.52 7.75 7.97
CA LYS A 496 11.88 8.69 9.06
C LYS A 496 11.82 7.98 10.41
N ASN A 497 12.17 8.71 11.47
CA ASN A 497 12.31 8.20 12.86
C ASN A 497 10.94 7.71 13.41
N TRP A 498 10.89 6.48 13.96
CA TRP A 498 9.62 5.82 14.43
C TRP A 498 8.94 6.61 15.57
N GLU A 499 9.65 6.95 16.64
CA GLU A 499 9.20 8.03 17.55
C GLU A 499 9.26 9.33 16.77
N THR A 500 8.37 10.26 17.06
CA THR A 500 8.18 11.52 16.30
C THR A 500 7.31 11.28 15.04
N ASN A 501 7.23 10.04 14.50
CA ASN A 501 6.40 9.73 13.27
C ASN A 501 4.88 9.80 13.59
N LYS A 502 4.14 10.73 12.95
CA LYS A 502 2.64 10.95 13.16
C LYS A 502 1.79 9.97 12.29
N PHE A 503 2.45 9.22 11.38
CA PHE A 503 1.87 8.21 10.46
C PHE A 503 0.76 8.87 9.60
N SER A 504 1.12 9.95 8.90
CA SER A 504 0.21 10.58 7.95
C SER A 504 0.89 10.80 6.59
N GLY A 505 2.14 10.28 6.43
CA GLY A 505 2.91 10.36 5.17
C GLY A 505 3.88 11.53 5.19
N TYR A 506 4.71 11.69 4.14
CA TYR A 506 5.61 12.89 3.93
C TYR A 506 4.75 14.10 3.52
N PRO A 507 5.15 15.32 3.93
CA PRO A 507 4.23 16.48 3.70
C PRO A 507 3.80 16.74 2.24
N LEU A 508 4.65 16.50 1.26
CA LEU A 508 4.34 16.89 -0.16
C LEU A 508 3.77 15.72 -0.98
N TYR A 509 3.33 14.66 -0.30
CA TYR A 509 2.68 13.47 -0.89
C TYR A 509 1.53 13.83 -1.84
N HIS A 510 1.64 13.41 -3.11
CA HIS A 510 0.51 13.53 -4.15
C HIS A 510 0.20 15.02 -4.48
N SER A 511 1.21 15.88 -4.33
CA SER A 511 1.16 17.32 -4.60
C SER A 511 2.04 17.69 -5.81
N VAL A 512 1.73 18.83 -6.46
CA VAL A 512 2.59 19.41 -7.51
C VAL A 512 4.01 19.66 -6.99
N TYR A 513 4.21 19.86 -5.68
CA TYR A 513 5.54 20.26 -5.13
C TYR A 513 6.50 19.05 -5.10
N GLU A 514 5.99 17.83 -5.33
CA GLU A 514 6.77 16.57 -5.30
C GLU A 514 7.58 16.45 -6.60
N THR A 515 8.78 17.02 -6.61
CA THR A 515 9.58 17.19 -7.83
C THR A 515 10.97 16.55 -7.68
N TYR A 516 11.70 16.43 -8.79
CA TYR A 516 13.14 16.09 -8.77
C TYR A 516 13.91 16.96 -7.77
N GLU A 517 13.66 18.27 -7.78
CA GLU A 517 14.40 19.24 -6.91
C GLU A 517 14.12 18.92 -5.44
N LEU A 518 12.87 18.54 -5.11
CA LEU A 518 12.55 18.09 -3.73
C LEU A 518 13.54 17.03 -3.25
N VAL A 519 13.80 16.06 -4.10
CA VAL A 519 14.63 14.90 -3.74
C VAL A 519 16.11 15.30 -3.67
N GLU A 520 16.65 15.86 -4.77
CA GLU A 520 18.06 16.26 -4.89
C GLU A 520 18.47 17.30 -3.83
N LYS A 521 17.59 18.23 -3.44
CA LYS A 521 18.00 19.28 -2.49
C LYS A 521 17.76 18.85 -1.03
N PHE A 522 16.65 18.19 -0.69
CA PHE A 522 16.27 18.01 0.75
C PHE A 522 16.28 16.54 1.21
N TYR A 523 16.18 15.52 0.34
CA TYR A 523 16.05 14.12 0.84
C TYR A 523 17.39 13.37 0.71
N ASP A 524 18.04 13.45 -0.45
CA ASP A 524 19.15 12.51 -0.74
C ASP A 524 20.10 13.09 -1.81
N PRO A 525 20.78 14.22 -1.48
CA PRO A 525 21.68 14.92 -2.39
C PRO A 525 22.70 13.98 -3.06
N MET A 526 23.24 12.98 -2.36
CA MET A 526 24.28 12.07 -2.92
C MET A 526 23.66 10.83 -3.56
N PHE A 527 22.35 10.60 -3.40
CA PHE A 527 21.68 9.39 -3.92
C PHE A 527 22.23 8.12 -3.27
N LYS A 528 22.74 8.23 -2.04
CA LYS A 528 23.25 7.07 -1.32
C LYS A 528 22.12 6.25 -0.67
N TYR A 529 21.02 6.88 -0.27
CA TYR A 529 19.91 6.11 0.27
C TYR A 529 19.25 5.36 -0.88
N HIS A 530 19.08 6.01 -2.03
CA HIS A 530 18.55 5.31 -3.23
C HIS A 530 19.40 4.06 -3.53
N LEU A 531 20.73 4.23 -3.44
CA LEU A 531 21.64 3.16 -3.78
C LEU A 531 21.48 2.01 -2.78
N THR A 532 21.42 2.30 -1.48
CA THR A 532 21.19 1.29 -0.42
C THR A 532 19.88 0.52 -0.68
N VAL A 533 18.81 1.23 -0.99
CA VAL A 533 17.54 0.60 -1.29
C VAL A 533 17.65 -0.25 -2.57
N ALA A 534 18.41 0.18 -3.58
CA ALA A 534 18.60 -0.68 -4.76
C ALA A 534 19.35 -1.98 -4.40
N GLN A 535 20.32 -1.93 -3.53
CA GLN A 535 21.03 -3.14 -3.09
C GLN A 535 20.10 -4.09 -2.33
N VAL A 536 19.24 -3.58 -1.45
CA VAL A 536 18.30 -4.41 -0.70
C VAL A 536 17.33 -5.07 -1.69
N ARG A 537 16.57 -4.29 -2.47
CA ARG A 537 15.58 -4.85 -3.42
C ARG A 537 16.24 -5.82 -4.42
N GLY A 538 17.35 -5.38 -5.02
CA GLY A 538 18.05 -6.21 -6.00
C GLY A 538 18.77 -7.42 -5.39
N GLY A 539 19.40 -7.25 -4.24
CA GLY A 539 19.94 -8.41 -3.51
C GLY A 539 18.90 -9.48 -3.19
N MET A 540 17.70 -9.07 -2.73
CA MET A 540 16.60 -10.03 -2.42
C MET A 540 16.21 -10.79 -3.70
N VAL A 541 16.04 -10.09 -4.82
CA VAL A 541 15.68 -10.72 -6.08
C VAL A 541 16.79 -11.70 -6.50
N PHE A 542 18.07 -11.27 -6.37
CA PHE A 542 19.22 -12.14 -6.78
C PHE A 542 19.20 -13.47 -6.02
N GLU A 543 19.16 -13.44 -4.67
CA GLU A 543 19.10 -14.68 -3.81
C GLU A 543 17.88 -15.54 -4.16
N LEU A 544 16.69 -14.93 -4.24
CA LEU A 544 15.46 -15.67 -4.57
C LEU A 544 15.60 -16.39 -5.92
N ALA A 545 16.24 -15.74 -6.89
CA ALA A 545 16.30 -16.32 -8.26
C ALA A 545 17.55 -17.20 -8.45
N ASN A 546 18.56 -17.15 -7.55
CA ASN A 546 19.81 -17.89 -7.85
C ASN A 546 20.18 -18.94 -6.80
N SER A 547 19.69 -18.82 -5.58
CA SER A 547 20.05 -19.77 -4.52
C SER A 547 19.49 -21.17 -4.83
N ILE A 548 20.31 -22.20 -4.59
CA ILE A 548 19.96 -23.58 -4.96
C ILE A 548 18.72 -24.04 -4.16
N VAL A 549 18.72 -23.80 -2.83
CA VAL A 549 17.55 -24.01 -1.97
C VAL A 549 16.84 -22.66 -1.78
N LEU A 550 15.52 -22.58 -2.02
CA LEU A 550 14.80 -21.28 -1.82
C LEU A 550 15.11 -20.74 -0.41
N PRO A 551 15.36 -19.43 -0.28
CA PRO A 551 15.77 -18.81 1.02
C PRO A 551 14.59 -18.37 1.91
N PHE A 552 13.77 -19.36 2.23
CA PHE A 552 12.62 -19.17 3.11
C PHE A 552 12.83 -20.04 4.35
N ASP A 553 12.54 -19.49 5.54
CA ASP A 553 12.61 -20.28 6.75
C ASP A 553 11.20 -20.47 7.38
N CYS A 554 10.61 -21.66 7.21
CA CYS A 554 9.23 -21.99 7.71
C CYS A 554 9.10 -21.81 9.23
N ARG A 555 10.19 -21.96 9.98
CA ARG A 555 10.14 -21.82 11.46
C ARG A 555 9.74 -20.39 11.89
N ASP A 556 10.17 -19.38 11.12
CA ASP A 556 9.77 -18.00 11.38
C ASP A 556 8.24 -17.81 11.26
N TYR A 557 7.57 -18.56 10.37
CA TYR A 557 6.08 -18.51 10.34
C TYR A 557 5.50 -19.07 11.65
N ALA A 558 6.12 -20.14 12.17
CA ALA A 558 5.65 -20.80 13.37
C ALA A 558 5.69 -19.84 14.57
N VAL A 559 6.74 -19.04 14.69
CA VAL A 559 6.85 -18.06 15.82
C VAL A 559 5.76 -16.96 15.71
N VAL A 560 5.52 -16.35 14.54
CA VAL A 560 4.55 -15.23 14.53
C VAL A 560 3.12 -15.78 14.69
N LEU A 561 2.85 -17.01 14.23
CA LEU A 561 1.50 -17.57 14.36
C LEU A 561 1.13 -17.70 15.84
N ARG A 562 2.10 -18.06 16.71
CA ARG A 562 1.83 -18.17 18.18
C ARG A 562 1.51 -16.80 18.76
N LYS A 563 2.31 -15.80 18.39
CA LYS A 563 2.08 -14.36 18.72
C LYS A 563 0.67 -13.90 18.28
N TYR A 564 0.29 -14.17 17.01
CA TYR A 564 -1.03 -13.77 16.50
C TYR A 564 -2.16 -14.50 17.26
N ALA A 565 -1.97 -15.77 17.59
CA ALA A 565 -2.98 -16.52 18.36
C ALA A 565 -3.10 -15.96 19.80
N ASP A 566 -1.98 -15.64 20.44
CA ASP A 566 -2.06 -14.99 21.77
C ASP A 566 -2.84 -13.67 21.68
N LYS A 567 -2.58 -12.89 20.65
CA LYS A 567 -3.20 -11.59 20.50
C LYS A 567 -4.73 -11.74 20.32
N ILE A 568 -5.18 -12.61 19.42
CA ILE A 568 -6.63 -12.69 19.17
C ILE A 568 -7.34 -13.33 20.38
N TYR A 569 -6.77 -14.39 20.98
CA TYR A 569 -7.26 -14.90 22.28
C TYR A 569 -7.46 -13.77 23.32
N SER A 570 -6.52 -12.83 23.46
CA SER A 570 -6.63 -11.75 24.53
C SER A 570 -7.78 -10.79 24.23
N ILE A 571 -8.06 -10.55 22.94
CA ILE A 571 -9.22 -9.73 22.56
C ILE A 571 -10.50 -10.44 23.03
N SER A 572 -10.58 -11.76 22.83
CA SER A 572 -11.79 -12.51 23.18
C SER A 572 -11.99 -12.52 24.69
N MET A 573 -10.89 -12.63 25.46
CA MET A 573 -10.94 -12.77 26.94
C MET A 573 -11.44 -11.49 27.63
N LYS A 574 -11.62 -10.39 26.93
CA LYS A 574 -12.34 -9.23 27.51
C LYS A 574 -13.84 -9.54 27.71
N HIS A 575 -14.35 -10.65 27.17
CA HIS A 575 -15.78 -11.03 27.30
C HIS A 575 -15.96 -12.41 27.97
N PRO A 576 -15.48 -12.58 29.22
CA PRO A 576 -15.45 -13.91 29.90
C PRO A 576 -16.84 -14.56 30.09
N GLN A 577 -17.89 -13.77 30.37
CA GLN A 577 -19.24 -14.35 30.60
C GLN A 577 -19.77 -14.95 29.29
N GLU A 578 -19.59 -14.26 28.16
CA GLU A 578 -20.07 -14.74 26.88
C GLU A 578 -19.25 -15.96 26.42
N MET A 579 -17.95 -15.95 26.69
CA MET A 579 -17.15 -17.14 26.33
C MET A 579 -17.68 -18.38 27.10
N LYS A 580 -18.12 -18.21 28.36
CA LYS A 580 -18.75 -19.34 29.13
C LYS A 580 -20.13 -19.74 28.55
N THR A 581 -20.99 -18.75 28.32
CA THR A 581 -22.33 -19.03 27.85
C THR A 581 -22.31 -19.78 26.51
N TYR A 582 -21.51 -19.33 25.55
CA TYR A 582 -21.55 -19.91 24.17
C TYR A 582 -20.44 -20.96 23.96
N SER A 583 -19.68 -21.30 25.01
CA SER A 583 -18.68 -22.37 24.90
C SER A 583 -17.66 -22.03 23.79
N VAL A 584 -17.08 -20.84 23.87
CA VAL A 584 -16.13 -20.34 22.89
C VAL A 584 -14.72 -20.80 23.31
N SER A 585 -14.10 -21.74 22.58
CA SER A 585 -12.75 -22.21 22.89
C SER A 585 -11.77 -21.89 21.75
N PHE A 586 -10.56 -21.41 22.13
CA PHE A 586 -9.40 -21.26 21.20
C PHE A 586 -8.49 -22.50 21.22
N ASP A 587 -8.90 -23.60 21.89
CA ASP A 587 -8.03 -24.80 21.99
C ASP A 587 -7.55 -25.36 20.64
N SER A 588 -8.45 -25.38 19.67
CA SER A 588 -8.13 -25.97 18.34
C SER A 588 -7.11 -25.09 17.58
N LEU A 589 -7.16 -23.77 17.75
CA LEU A 589 -6.17 -22.87 17.07
C LEU A 589 -4.77 -23.06 17.66
N PHE A 590 -4.67 -23.13 19.00
CA PHE A 590 -3.37 -23.32 19.66
C PHE A 590 -2.80 -24.71 19.35
N SER A 591 -3.67 -25.70 19.20
CA SER A 591 -3.29 -27.06 18.80
C SER A 591 -2.68 -27.10 17.38
N ALA A 592 -3.37 -26.47 16.43
CA ALA A 592 -2.84 -26.31 15.05
C ALA A 592 -1.47 -25.60 15.05
N VAL A 593 -1.34 -24.52 15.82
CA VAL A 593 -0.09 -23.71 15.86
C VAL A 593 1.06 -24.54 16.44
N LYS A 594 0.78 -25.33 17.48
CA LYS A 594 1.73 -26.29 18.08
C LYS A 594 2.19 -27.33 17.05
N ASN A 595 1.23 -27.90 16.30
CA ASN A 595 1.52 -28.90 15.25
C ASN A 595 2.37 -28.28 14.13
N PHE A 596 1.98 -27.10 13.64
CA PHE A 596 2.80 -26.39 12.66
C PHE A 596 4.25 -26.22 13.19
N THR A 597 4.41 -25.76 14.46
CA THR A 597 5.79 -25.54 15.05
C THR A 597 6.61 -26.84 14.99
N GLU A 598 5.97 -27.97 15.34
CA GLU A 598 6.67 -29.26 15.40
C GLU A 598 7.00 -29.74 13.98
N ILE A 599 6.03 -29.67 13.07
CA ILE A 599 6.26 -30.22 11.69
C ILE A 599 7.28 -29.38 10.93
N ALA A 600 7.21 -28.07 11.12
CA ALA A 600 8.19 -27.13 10.52
C ALA A 600 9.61 -27.41 11.04
N SER A 601 9.74 -27.68 12.33
CA SER A 601 11.04 -28.06 12.92
C SER A 601 11.61 -29.33 12.25
N LYS A 602 10.77 -30.34 12.04
CA LYS A 602 11.23 -31.59 11.39
C LYS A 602 11.56 -31.37 9.91
N PHE A 603 10.78 -30.51 9.25
CA PHE A 603 11.05 -30.17 7.84
C PHE A 603 12.43 -29.55 7.68
N SER A 604 12.78 -28.60 8.58
CA SER A 604 14.12 -27.92 8.53
C SER A 604 15.27 -28.94 8.64
N GLU A 605 15.13 -29.90 9.54
CA GLU A 605 16.15 -30.97 9.72
C GLU A 605 16.33 -31.72 8.40
N ARG A 606 15.21 -32.10 7.74
CA ARG A 606 15.32 -32.83 6.45
C ARG A 606 15.95 -31.91 5.40
N LEU A 607 15.63 -30.62 5.45
CA LEU A 607 16.16 -29.71 4.43
C LEU A 607 17.68 -29.57 4.58
N GLN A 608 18.20 -29.73 5.78
CA GLN A 608 19.64 -29.68 5.96
C GLN A 608 20.30 -31.00 5.51
N ASP A 609 19.62 -32.16 5.41
CA ASP A 609 20.23 -33.44 4.87
C ASP A 609 19.72 -33.99 3.49
N PHE A 610 20.52 -33.99 2.39
CA PHE A 610 20.11 -34.60 1.06
C PHE A 610 21.08 -34.06 -0.03
N SER A 613 23.02 -34.80 -3.26
N SER A 613 22.55 -32.44 -5.19
CA SER A 613 23.17 -34.84 -4.68
CA SER A 613 22.82 -32.62 -6.67
C SER A 613 21.82 -35.13 -5.40
C SER A 613 21.88 -33.69 -7.28
N ASN A 614 20.65 -34.98 -4.79
N ASN A 614 20.80 -34.06 -6.59
CA ASN A 614 19.43 -35.49 -5.50
CA ASN A 614 19.74 -34.93 -7.15
C ASN A 614 18.49 -34.34 -5.89
C ASN A 614 18.57 -34.06 -7.64
N PRO A 615 18.40 -34.03 -7.22
N PRO A 615 18.44 -33.84 -8.97
CA PRO A 615 17.63 -32.90 -7.74
CA PRO A 615 17.52 -32.79 -9.52
C PRO A 615 16.11 -33.06 -7.54
C PRO A 615 16.05 -32.91 -9.12
N ILE A 616 15.60 -34.30 -7.57
N ILE A 616 15.46 -34.11 -9.14
CA ILE A 616 14.15 -34.53 -7.41
CA ILE A 616 14.03 -34.21 -8.86
C ILE A 616 13.73 -34.21 -5.97
C ILE A 616 13.76 -34.19 -7.35
N VAL A 617 14.47 -34.73 -5.00
N VAL A 617 14.77 -34.51 -6.56
CA VAL A 617 14.29 -34.37 -3.60
CA VAL A 617 14.59 -34.53 -5.09
C VAL A 617 14.40 -32.85 -3.48
C VAL A 617 14.66 -33.08 -4.55
N LEU A 618 15.34 -32.26 -4.25
N LEU A 618 15.61 -32.28 -5.02
CA LEU A 618 15.55 -30.78 -4.27
CA LEU A 618 15.75 -30.86 -4.57
C LEU A 618 14.33 -30.08 -4.89
C LEU A 618 14.49 -30.07 -4.97
N ARG A 619 13.93 -30.43 -6.12
CA ARG A 619 12.69 -29.81 -6.67
C ARG A 619 11.50 -30.02 -5.72
N MET A 620 11.31 -31.25 -5.19
N MET A 620 11.36 -31.22 -5.17
CA MET A 620 10.22 -31.59 -4.24
CA MET A 620 10.20 -31.57 -4.36
C MET A 620 10.26 -30.62 -3.06
C MET A 620 10.25 -30.78 -3.02
N MET A 621 11.42 -30.48 -2.47
CA MET A 621 11.50 -29.65 -1.23
C MET A 621 11.40 -28.13 -1.55
N ASN A 622 11.91 -27.67 -2.70
CA ASN A 622 11.73 -26.26 -3.12
C ASN A 622 10.23 -25.99 -3.36
N ASP A 623 9.53 -26.96 -3.95
CA ASP A 623 8.09 -26.89 -4.18
C ASP A 623 7.30 -26.82 -2.85
N GLN A 624 7.70 -27.58 -1.81
CA GLN A 624 7.07 -27.48 -0.46
C GLN A 624 7.30 -26.05 0.07
N LEU A 625 8.53 -25.51 -0.07
CA LEU A 625 8.78 -24.11 0.32
C LEU A 625 7.97 -23.11 -0.51
N MET A 626 7.88 -23.28 -1.82
CA MET A 626 7.11 -22.34 -2.66
C MET A 626 5.60 -22.37 -2.29
N PHE A 627 5.03 -23.56 -2.05
CA PHE A 627 3.56 -23.68 -1.88
C PHE A 627 3.13 -23.46 -0.42
N LEU A 628 4.06 -23.08 0.47
CA LEU A 628 3.69 -22.92 1.86
C LEU A 628 2.88 -21.63 2.01
N GLU A 629 3.33 -20.50 1.47
CA GLU A 629 2.49 -19.28 1.42
C GLU A 629 1.14 -19.58 0.78
N ARG A 630 1.15 -20.35 -0.31
CA ARG A 630 -0.06 -20.64 -1.08
C ARG A 630 -1.06 -21.40 -0.20
N ALA A 631 -0.53 -22.21 0.73
CA ALA A 631 -1.38 -23.05 1.59
C ALA A 631 -2.31 -22.21 2.48
N PHE A 632 -1.98 -20.92 2.73
CA PHE A 632 -2.83 -20.07 3.64
C PHE A 632 -4.01 -19.45 2.90
N ILE A 633 -4.17 -19.76 1.61
CA ILE A 633 -5.27 -19.25 0.79
C ILE A 633 -6.52 -20.13 0.97
N ASP A 634 -7.65 -19.45 1.15
CA ASP A 634 -8.97 -20.08 1.20
C ASP A 634 -9.76 -19.69 -0.02
N PRO A 635 -10.16 -20.65 -0.88
CA PRO A 635 -10.76 -20.30 -2.17
C PRO A 635 -12.12 -19.59 -2.03
N LEU A 636 -12.79 -19.68 -0.87
CA LEU A 636 -14.10 -18.99 -0.64
C LEU A 636 -13.88 -17.56 -0.13
N GLY A 637 -12.64 -17.15 0.23
CA GLY A 637 -12.33 -15.78 0.59
C GLY A 637 -12.85 -15.43 1.99
N LEU A 638 -12.66 -14.17 2.45
CA LEU A 638 -13.17 -13.77 3.77
C LEU A 638 -14.59 -13.20 3.60
N PRO A 639 -15.37 -13.05 4.73
CA PRO A 639 -16.77 -12.69 4.61
C PRO A 639 -16.98 -11.37 3.86
N ASP A 640 -17.75 -11.42 2.77
CA ASP A 640 -18.04 -10.26 1.91
C ASP A 640 -16.85 -9.65 1.19
N ARG A 641 -15.67 -10.29 1.25
CA ARG A 641 -14.47 -9.76 0.60
C ARG A 641 -13.79 -10.95 -0.11
N PRO A 642 -14.38 -11.36 -1.22
CA PRO A 642 -13.97 -12.56 -1.91
C PRO A 642 -12.55 -12.56 -2.50
N PHE A 643 -11.96 -11.36 -2.70
CA PHE A 643 -10.64 -11.22 -3.30
C PHE A 643 -9.57 -11.08 -2.19
N TYR A 644 -9.96 -11.11 -0.91
CA TYR A 644 -8.99 -11.25 0.21
C TYR A 644 -9.07 -12.68 0.72
N ARG A 645 -8.18 -13.56 0.24
CA ARG A 645 -8.29 -15.03 0.41
C ARG A 645 -7.29 -15.58 1.44
N HIS A 646 -6.27 -14.81 1.83
CA HIS A 646 -5.26 -15.25 2.79
C HIS A 646 -5.92 -15.23 4.19
N VAL A 647 -5.84 -16.33 4.92
CA VAL A 647 -6.52 -16.45 6.25
C VAL A 647 -5.69 -15.83 7.40
N ILE A 648 -4.37 -15.67 7.24
CA ILE A 648 -3.52 -15.09 8.32
C ILE A 648 -3.48 -13.55 8.22
N TYR A 649 -3.35 -13.00 7.00
CA TYR A 649 -3.20 -11.56 6.71
C TYR A 649 -4.28 -11.01 5.74
N ALA A 650 -4.95 -9.95 6.17
CA ALA A 650 -5.76 -9.07 5.27
C ALA A 650 -5.56 -7.59 5.64
N PRO A 651 -5.90 -6.68 4.71
CA PRO A 651 -5.89 -5.26 5.01
C PRO A 651 -7.00 -5.01 6.04
N SER A 652 -6.72 -4.14 7.01
CA SER A 652 -7.70 -3.80 8.00
C SER A 652 -8.96 -3.29 7.33
N SER A 653 -10.11 -3.74 7.81
CA SER A 653 -11.45 -3.22 7.35
C SER A 653 -11.65 -1.74 7.74
N HIS A 654 -10.82 -1.24 8.65
CA HIS A 654 -10.90 0.18 9.10
C HIS A 654 -9.77 1.01 8.48
N ASN A 655 -8.81 0.39 7.78
CA ASN A 655 -7.66 1.15 7.25
C ASN A 655 -6.88 0.29 6.27
N LYS A 656 -7.13 0.45 4.97
CA LYS A 656 -6.53 -0.38 3.90
C LYS A 656 -4.99 -0.38 4.02
N TYR A 657 -4.39 0.70 4.58
CA TYR A 657 -2.91 0.73 4.65
C TYR A 657 -2.38 -0.25 5.70
N ALA A 658 -3.17 -0.57 6.75
CA ALA A 658 -2.68 -1.40 7.86
C ALA A 658 -2.97 -2.89 7.60
N GLY A 659 -2.03 -3.73 8.01
CA GLY A 659 -2.28 -5.17 8.05
C GLY A 659 -3.00 -5.58 9.32
N GLU A 660 -3.93 -6.54 9.20
CA GLU A 660 -4.55 -7.22 10.37
C GLU A 660 -4.24 -8.72 10.34
N SER A 661 -3.94 -9.30 11.51
CA SER A 661 -3.67 -10.77 11.65
C SER A 661 -4.97 -11.50 12.08
N PHE A 662 -5.13 -12.78 11.67
CA PHE A 662 -6.40 -13.57 11.80
C PHE A 662 -7.62 -12.65 11.59
N PRO A 663 -7.72 -12.00 10.43
CA PRO A 663 -8.75 -10.98 10.13
C PRO A 663 -10.19 -11.50 10.22
N GLY A 664 -10.46 -12.78 9.90
CA GLY A 664 -11.81 -13.35 10.05
C GLY A 664 -12.32 -13.27 11.49
N ILE A 665 -11.46 -13.72 12.41
CA ILE A 665 -11.74 -13.71 13.84
C ILE A 665 -11.77 -12.25 14.33
N TYR A 666 -10.77 -11.41 13.96
CA TYR A 666 -10.75 -10.03 14.46
C TYR A 666 -12.07 -9.33 14.15
N ASP A 667 -12.47 -9.37 12.88
CA ASP A 667 -13.74 -8.72 12.47
C ASP A 667 -15.02 -9.31 13.12
N ALA A 668 -15.09 -10.62 13.35
CA ALA A 668 -16.25 -11.20 14.07
C ALA A 668 -16.30 -10.69 15.52
N LEU A 669 -15.13 -10.43 16.11
CA LEU A 669 -15.04 -9.87 17.51
C LEU A 669 -15.21 -8.35 17.58
N PHE A 670 -14.98 -7.62 16.49
CA PHE A 670 -14.92 -6.14 16.59
C PHE A 670 -16.29 -5.57 17.02
N ASP A 671 -16.28 -4.79 18.09
CA ASP A 671 -17.51 -4.14 18.59
C ASP A 671 -18.69 -5.13 18.84
N ILE A 672 -18.35 -6.39 19.19
CA ILE A 672 -19.34 -7.47 19.36
C ILE A 672 -20.37 -7.11 20.45
N GLU A 673 -19.95 -6.33 21.47
CA GLU A 673 -20.84 -5.99 22.62
C GLU A 673 -22.01 -5.10 22.16
N SER A 674 -21.96 -4.54 20.94
N SER A 674 -21.98 -4.57 20.94
CA SER A 674 -23.05 -3.70 20.42
CA SER A 674 -23.08 -3.73 20.47
C SER A 674 -24.04 -4.52 19.59
C SER A 674 -24.03 -4.50 19.55
N LYS A 675 -23.77 -5.78 19.28
CA LYS A 675 -24.65 -6.55 18.38
C LYS A 675 -25.94 -6.95 19.13
N VAL A 676 -27.00 -7.03 18.36
CA VAL A 676 -28.36 -7.17 18.87
C VAL A 676 -28.64 -8.62 19.26
N ASP A 677 -28.05 -9.60 18.55
CA ASP A 677 -28.27 -11.03 18.77
C ASP A 677 -26.92 -11.64 19.14
N PRO A 678 -26.54 -11.63 20.44
CA PRO A 678 -25.22 -12.07 20.87
C PRO A 678 -24.96 -13.53 20.47
N SER A 679 -26.02 -14.31 20.46
CA SER A 679 -25.90 -15.71 20.16
C SER A 679 -25.41 -15.91 18.72
N LYS A 680 -25.98 -15.16 17.78
CA LYS A 680 -25.56 -15.27 16.39
C LYS A 680 -24.13 -14.71 16.22
N ALA A 681 -23.80 -13.59 16.88
CA ALA A 681 -22.48 -12.96 16.77
C ALA A 681 -21.38 -13.88 17.32
N TRP A 682 -21.63 -14.62 18.41
CA TRP A 682 -20.61 -15.53 19.02
C TRP A 682 -20.53 -16.86 18.23
N GLY A 683 -21.66 -17.27 17.62
CA GLY A 683 -21.65 -18.38 16.61
C GLY A 683 -20.65 -18.13 15.49
N GLU A 684 -20.65 -16.87 14.95
CA GLU A 684 -19.75 -16.51 13.87
C GLU A 684 -18.28 -16.46 14.38
N VAL A 685 -18.02 -15.98 15.61
CA VAL A 685 -16.64 -16.06 16.19
C VAL A 685 -16.13 -17.51 16.13
N LYS A 686 -16.94 -18.42 16.63
CA LYS A 686 -16.56 -19.81 16.67
C LYS A 686 -16.33 -20.36 15.25
N ARG A 687 -17.18 -19.99 14.29
CA ARG A 687 -16.99 -20.46 12.89
C ARG A 687 -15.60 -20.02 12.38
N GLN A 688 -15.23 -18.76 12.68
CA GLN A 688 -13.98 -18.18 12.21
C GLN A 688 -12.80 -18.85 12.93
N ILE A 689 -12.94 -19.24 14.22
CA ILE A 689 -11.91 -20.03 14.92
C ILE A 689 -11.70 -21.37 14.19
N TYR A 690 -12.76 -22.09 13.89
CA TYR A 690 -12.73 -23.33 13.08
C TYR A 690 -11.96 -23.13 11.76
N VAL A 691 -12.33 -22.12 10.98
CA VAL A 691 -11.65 -21.90 9.66
C VAL A 691 -10.12 -21.68 9.83
N ALA A 692 -9.72 -20.95 10.86
CA ALA A 692 -8.33 -20.55 11.03
C ALA A 692 -7.50 -21.74 11.52
N ALA A 693 -8.03 -22.49 12.49
CA ALA A 693 -7.35 -23.76 12.98
C ALA A 693 -7.15 -24.74 11.82
N PHE A 694 -8.23 -25.00 11.04
CA PHE A 694 -8.17 -25.95 9.95
C PHE A 694 -7.08 -25.50 8.97
N THR A 695 -7.08 -24.20 8.65
CA THR A 695 -6.16 -23.68 7.57
C THR A 695 -4.70 -23.78 8.04
N VAL A 696 -4.45 -23.44 9.33
CA VAL A 696 -3.07 -23.56 9.88
C VAL A 696 -2.64 -25.03 9.87
N GLN A 697 -3.51 -25.94 10.31
CA GLN A 697 -3.17 -27.38 10.27
C GLN A 697 -2.98 -27.86 8.82
N ALA A 698 -3.79 -27.39 7.86
CA ALA A 698 -3.63 -27.86 6.46
C ALA A 698 -2.28 -27.40 5.87
N ALA A 699 -1.90 -26.16 6.23
CA ALA A 699 -0.59 -25.56 5.84
C ALA A 699 0.57 -26.37 6.41
N ALA A 700 0.56 -26.64 7.71
CA ALA A 700 1.55 -27.51 8.37
C ALA A 700 1.71 -28.86 7.63
N GLU A 701 0.58 -29.48 7.24
CA GLU A 701 0.63 -30.82 6.59
C GLU A 701 1.28 -30.76 5.20
N THR A 702 1.42 -29.59 4.56
CA THR A 702 2.09 -29.53 3.25
C THR A 702 3.61 -29.76 3.43
N LEU A 703 4.11 -29.52 4.66
CA LEU A 703 5.53 -29.72 5.04
C LEU A 703 5.79 -31.13 5.63
N SER A 704 4.77 -32.00 5.84
CA SER A 704 5.03 -33.41 6.23
C SER A 704 5.69 -34.16 5.07
N GLU A 705 6.24 -35.34 5.35
CA GLU A 705 6.75 -36.18 4.25
C GLU A 705 5.57 -36.48 3.31
N VAL A 706 5.87 -36.58 2.04
CA VAL A 706 4.78 -36.45 1.06
C VAL A 706 4.05 -37.79 0.87
N ALA A 707 4.68 -38.87 1.30
CA ALA A 707 4.16 -40.21 1.13
C ALA A 707 4.96 -41.17 2.00
#